data_9BQ6
#
_entry.id   9BQ6
#
_cell.length_a   69.781
_cell.length_b   92.699
_cell.length_c   125.464
_cell.angle_alpha   90.00
_cell.angle_beta   90.00
_cell.angle_gamma   90.00
#
_symmetry.space_group_name_H-M   'P 21 21 21'
#
loop_
_entity.id
_entity.type
_entity.pdbx_description
1 polymer 'DNA topoisomerase 2-alpha'
2 non-polymer 'PHOSPHOAMINOPHOSPHONIC ACID-ADENYLATE ESTER'
3 non-polymer 'MAGNESIUM ION'
4 water water
#
_entity_poly.entity_id   1
_entity_poly.type   'polypeptide(L)'
_entity_poly.pdbx_seq_one_letter_code
;SNASVERIYQKKTQLEHILLRPDTYIGSVELVTQQMWVYDEDVGINYREVTFVPGLYKIFDEILVNAADNKQRDPKMSCI
RVTIDPENNLISIWNNGKGIPVVEHKVEKMYVPALIFGQLLTSSNYDDDEKKVTGGRNGYGAKLCNIFSTKFTVETASRE
YKKMFKQTWMDNMGRAGEMELKPFNGEDYTCITFQPDLSKFKMQSLDKDIVALMVRRAYDIAGSTKDVKVFLNGNKLPVK
GFRSYVDMYLKDKLDETGNSLKVIHEQVNHRWEVCLTMSEKGFQQISFVNSIATSKGGRHVDYVADQIVTKLVDVVKKKN
KGGVAVKAHQVKNHMWIFVNALIENPTFDSQTKENMTLQPKSFGSTCQLSEKFIKAAIGCGIVESILNWVKFKAQVQLN
;
_entity_poly.pdbx_strand_id   A,B
#
# COMPACT_ATOMS: atom_id res chain seq x y z
N ALA A 3 6.76 27.15 19.08
CA ALA A 3 7.25 26.72 20.37
C ALA A 3 6.06 26.37 21.25
N SER A 4 4.88 26.85 20.83
CA SER A 4 3.70 26.73 21.67
C SER A 4 3.15 25.30 21.64
N VAL A 5 2.61 24.87 22.79
CA VAL A 5 2.00 23.55 22.88
C VAL A 5 0.87 23.41 21.89
N GLU A 6 0.06 24.46 21.73
CA GLU A 6 -1.07 24.41 20.83
C GLU A 6 -0.63 24.44 19.36
N ARG A 7 0.53 25.02 19.07
CA ARG A 7 1.02 24.97 17.70
C ARG A 7 1.71 23.64 17.40
N ILE A 8 2.41 23.07 18.39
CA ILE A 8 3.12 21.81 18.20
C ILE A 8 2.15 20.66 18.02
N TYR A 9 1.21 20.51 18.96
CA TYR A 9 0.26 19.41 18.97
C TYR A 9 -1.06 19.90 18.40
N GLN A 10 -1.48 19.30 17.29
CA GLN A 10 -2.65 19.73 16.57
C GLN A 10 -3.57 18.55 16.32
N LYS A 11 -4.87 18.85 16.28
CA LYS A 11 -5.93 17.92 15.89
C LYS A 11 -6.52 18.39 14.56
N LYS A 12 -6.82 17.45 13.67
CA LYS A 12 -7.42 17.77 12.40
C LYS A 12 -8.80 17.15 12.29
N THR A 13 -9.72 17.85 11.61
CA THR A 13 -10.94 17.16 11.22
C THR A 13 -10.62 16.12 10.15
N GLN A 14 -11.58 15.24 9.88
CA GLN A 14 -11.37 14.22 8.85
C GLN A 14 -11.12 14.88 7.51
N LEU A 15 -11.95 15.87 7.17
CA LEU A 15 -11.80 16.55 5.88
C LEU A 15 -10.44 17.23 5.78
N GLU A 16 -10.04 17.92 6.85
CA GLU A 16 -8.73 18.58 6.86
C GLU A 16 -7.60 17.58 6.66
N HIS A 17 -7.72 16.42 7.27
CA HIS A 17 -6.68 15.40 7.22
C HIS A 17 -6.51 14.85 5.81
N ILE A 18 -7.62 14.69 5.09
CA ILE A 18 -7.56 14.20 3.72
C ILE A 18 -6.78 15.17 2.85
N LEU A 19 -7.07 16.47 3.01
CA LEU A 19 -6.40 17.44 2.16
C LEU A 19 -4.94 17.62 2.60
N LEU A 20 -4.66 17.46 3.89
CA LEU A 20 -3.30 17.61 4.38
C LEU A 20 -2.44 16.38 4.09
N ARG A 21 -3.04 15.20 4.16
CA ARG A 21 -2.33 13.92 4.02
C ARG A 21 -3.08 13.11 2.96
N PRO A 22 -3.00 13.53 1.71
CA PRO A 22 -3.80 12.87 0.66
C PRO A 22 -3.30 11.50 0.29
N ASP A 23 -2.04 11.20 0.60
CA ASP A 23 -1.37 10.04 0.04
C ASP A 23 -2.01 8.72 0.42
N THR A 24 -2.40 8.54 1.67
CA THR A 24 -3.00 7.24 1.96
C THR A 24 -4.44 7.17 1.47
N TYR A 25 -5.01 8.28 1.03
CA TYR A 25 -6.37 8.23 0.52
C TYR A 25 -6.44 8.07 -0.99
N ILE A 26 -5.67 8.85 -1.74
CA ILE A 26 -5.76 8.82 -3.20
C ILE A 26 -4.42 8.56 -3.87
N GLY A 27 -3.35 8.36 -3.12
CA GLY A 27 -2.03 8.29 -3.69
C GLY A 27 -1.36 9.65 -3.79
N SER A 28 -0.20 9.65 -4.42
CA SER A 28 0.65 10.83 -4.46
C SER A 28 -0.02 11.97 -5.21
N VAL A 29 0.12 13.17 -4.68
CA VAL A 29 -0.33 14.38 -5.37
C VAL A 29 0.82 15.12 -6.03
N GLU A 30 1.97 14.46 -6.17
CA GLU A 30 3.11 15.00 -6.87
C GLU A 30 3.33 14.22 -8.15
N LEU A 31 4.12 14.79 -9.04
CA LEU A 31 4.39 14.17 -10.33
C LEU A 31 5.20 12.90 -10.17
N VAL A 32 4.88 11.93 -11.00
CA VAL A 32 5.70 10.75 -11.17
C VAL A 32 5.93 10.63 -12.68
N THR A 33 7.12 10.23 -13.06
CA THR A 33 7.47 9.96 -14.45
C THR A 33 7.91 8.50 -14.48
N GLN A 34 7.15 7.66 -15.19
CA GLN A 34 7.48 6.24 -15.32
C GLN A 34 6.77 5.68 -16.54
N GLN A 35 7.16 4.47 -16.92
CA GLN A 35 6.51 3.80 -18.04
C GLN A 35 5.19 3.18 -17.58
N MET A 36 4.16 3.38 -18.40
CA MET A 36 2.81 2.95 -18.08
C MET A 36 2.16 2.45 -19.36
N TRP A 37 1.20 1.57 -19.22
CA TRP A 37 0.32 1.28 -20.36
C TRP A 37 -0.73 2.37 -20.46
N VAL A 38 -0.89 2.94 -21.65
CA VAL A 38 -1.86 3.99 -21.90
C VAL A 38 -2.52 3.71 -23.24
N TYR A 39 -3.55 4.47 -23.54
CA TYR A 39 -4.23 4.42 -24.84
C TYR A 39 -4.04 5.78 -25.49
N ASP A 40 -3.23 5.82 -26.54
CA ASP A 40 -3.01 7.06 -27.27
C ASP A 40 -3.93 7.12 -28.48
N GLU A 41 -4.47 8.31 -28.71
CA GLU A 41 -5.29 8.52 -29.89
C GLU A 41 -4.45 8.24 -31.12
N ASP A 42 -5.01 7.45 -32.04
CA ASP A 42 -4.38 7.07 -33.31
C ASP A 42 -3.23 6.06 -33.13
N VAL A 43 -2.97 5.56 -31.91
CA VAL A 43 -1.93 4.56 -31.71
C VAL A 43 -2.49 3.34 -30.98
N GLY A 44 -3.44 3.59 -30.09
CA GLY A 44 -4.03 2.53 -29.29
C GLY A 44 -3.25 2.23 -28.03
N ILE A 45 -3.37 1.00 -27.55
CA ILE A 45 -2.68 0.56 -26.33
C ILE A 45 -1.19 0.52 -26.56
N ASN A 46 -0.42 1.15 -25.68
CA ASN A 46 1.03 1.09 -25.83
C ASN A 46 1.70 1.47 -24.52
N TYR A 47 2.95 1.01 -24.38
CA TYR A 47 3.76 1.17 -23.18
C TYR A 47 4.78 2.28 -23.44
N ARG A 48 4.73 3.35 -22.65
CA ARG A 48 5.64 4.45 -22.85
C ARG A 48 5.76 5.25 -21.56
N GLU A 49 6.80 6.06 -21.49
CA GLU A 49 6.96 6.96 -20.37
C GLU A 49 5.81 7.96 -20.37
N VAL A 50 5.23 8.19 -19.19
CA VAL A 50 4.22 9.22 -19.00
C VAL A 50 4.58 9.99 -17.74
N THR A 51 4.10 11.23 -17.67
CA THR A 51 4.25 12.06 -16.49
C THR A 51 2.85 12.45 -16.02
N PHE A 52 2.51 12.07 -14.79
CA PHE A 52 1.14 12.22 -14.32
C PHE A 52 1.13 12.26 -12.79
N VAL A 53 -0.01 12.67 -12.23
CA VAL A 53 -0.22 12.75 -10.80
C VAL A 53 -1.13 11.58 -10.39
N PRO A 54 -0.64 10.62 -9.63
CA PRO A 54 -1.51 9.49 -9.26
C PRO A 54 -2.84 9.88 -8.64
N GLY A 55 -2.89 10.86 -7.75
CA GLY A 55 -4.13 11.18 -7.08
C GLY A 55 -5.21 11.64 -8.06
N LEU A 56 -4.84 12.28 -9.15
CA LEU A 56 -5.82 12.71 -10.15
C LEU A 56 -6.39 11.51 -10.90
N TYR A 57 -5.50 10.64 -11.33
CA TYR A 57 -5.89 9.36 -11.92
C TYR A 57 -6.84 8.59 -11.00
N LYS A 58 -6.58 8.63 -9.71
CA LYS A 58 -7.35 7.83 -8.77
C LYS A 58 -8.74 8.40 -8.54
N ILE A 59 -8.90 9.71 -8.45
CA ILE A 59 -10.24 10.19 -8.15
C ILE A 59 -11.17 9.87 -9.31
N PHE A 60 -10.65 9.89 -10.54
CA PHE A 60 -11.40 9.43 -11.70
C PHE A 60 -11.74 7.95 -11.58
N ASP A 61 -10.74 7.15 -11.21
CA ASP A 61 -10.95 5.72 -11.00
C ASP A 61 -12.07 5.43 -9.98
N GLU A 62 -12.10 6.17 -8.87
CA GLU A 62 -13.12 5.90 -7.85
C GLU A 62 -14.52 5.95 -8.44
N ILE A 63 -14.80 6.97 -9.28
CA ILE A 63 -16.13 7.13 -9.81
C ILE A 63 -16.40 6.08 -10.87
N LEU A 64 -15.37 5.76 -11.66
CA LEU A 64 -15.50 4.73 -12.69
C LEU A 64 -15.79 3.37 -12.09
N VAL A 65 -15.08 2.99 -11.03
CA VAL A 65 -15.35 1.68 -10.41
C VAL A 65 -16.72 1.67 -9.76
N ASN A 66 -17.15 2.80 -9.18
CA ASN A 66 -18.51 2.88 -8.66
C ASN A 66 -19.53 2.55 -9.73
N ALA A 67 -19.29 3.04 -10.96
CA ALA A 67 -20.21 2.76 -12.05
C ALA A 67 -20.23 1.29 -12.38
N ALA A 68 -19.06 0.66 -12.45
CA ALA A 68 -18.99 -0.77 -12.70
C ALA A 68 -19.65 -1.56 -11.59
N ASP A 69 -19.46 -1.13 -10.33
CA ASP A 69 -20.12 -1.78 -9.20
C ASP A 69 -21.63 -1.88 -9.40
N ASN A 70 -22.23 -0.92 -10.09
CA ASN A 70 -23.68 -0.93 -10.18
C ASN A 70 -24.18 -2.10 -11.02
N LYS A 71 -23.34 -2.66 -11.87
CA LYS A 71 -23.71 -3.86 -12.63
C LYS A 71 -23.95 -5.04 -11.71
N GLN A 72 -23.19 -5.15 -10.63
CA GLN A 72 -23.38 -6.22 -9.67
C GLN A 72 -24.63 -5.97 -8.85
N ARG A 73 -24.90 -4.73 -8.50
CA ARG A 73 -26.14 -4.37 -7.82
C ARG A 73 -27.36 -4.58 -8.70
N ASP A 74 -27.26 -4.25 -9.99
CA ASP A 74 -28.40 -4.38 -10.89
C ASP A 74 -27.94 -4.95 -12.23
N PRO A 75 -28.11 -6.26 -12.45
CA PRO A 75 -27.67 -6.85 -13.72
C PRO A 75 -28.39 -6.31 -14.95
N LYS A 76 -29.51 -5.58 -14.80
CA LYS A 76 -30.13 -4.98 -15.96
C LYS A 76 -29.29 -3.84 -16.54
N MET A 77 -28.36 -3.30 -15.77
CA MET A 77 -27.46 -2.27 -16.29
C MET A 77 -26.76 -2.76 -17.54
N SER A 78 -26.63 -1.87 -18.52
CA SER A 78 -26.07 -2.22 -19.81
C SER A 78 -24.97 -1.28 -20.29
N CYS A 79 -24.81 -0.10 -19.69
CA CYS A 79 -23.98 0.91 -20.31
C CYS A 79 -23.29 1.81 -19.31
N ILE A 80 -22.05 2.20 -19.64
CA ILE A 80 -21.31 3.27 -18.96
C ILE A 80 -20.87 4.27 -20.04
N ARG A 81 -21.08 5.56 -19.78
CA ARG A 81 -20.68 6.62 -20.69
C ARG A 81 -19.72 7.57 -19.98
N VAL A 82 -18.53 7.75 -20.56
CA VAL A 82 -17.49 8.58 -19.96
C VAL A 82 -17.27 9.76 -20.88
N THR A 83 -17.26 10.96 -20.32
CA THR A 83 -16.90 12.16 -21.06
C THR A 83 -15.68 12.79 -20.41
N ILE A 84 -14.68 13.11 -21.22
CA ILE A 84 -13.49 13.83 -20.77
C ILE A 84 -13.34 15.04 -21.65
N ASP A 85 -13.41 16.22 -21.05
CA ASP A 85 -13.42 17.51 -21.74
C ASP A 85 -12.31 18.37 -21.14
N PRO A 86 -11.09 18.27 -21.67
CA PRO A 86 -9.98 19.02 -21.07
C PRO A 86 -10.14 20.53 -21.08
N GLU A 87 -10.62 21.12 -22.18
CA GLU A 87 -10.63 22.57 -22.16
C GLU A 87 -11.63 23.14 -21.17
N ASN A 88 -12.68 22.42 -20.81
CA ASN A 88 -13.52 22.88 -19.72
C ASN A 88 -13.20 22.20 -18.39
N ASN A 89 -12.17 21.36 -18.35
CA ASN A 89 -11.78 20.63 -17.15
C ASN A 89 -12.98 19.92 -16.54
N LEU A 90 -13.63 19.12 -17.36
CA LEU A 90 -14.88 18.47 -17.00
C LEU A 90 -14.79 17.00 -17.30
N ILE A 91 -15.18 16.17 -16.32
CA ILE A 91 -15.30 14.74 -16.52
C ILE A 91 -16.70 14.34 -16.08
N SER A 92 -17.33 13.48 -16.86
CA SER A 92 -18.65 12.94 -16.53
C SER A 92 -18.65 11.43 -16.66
N ILE A 93 -19.27 10.75 -15.69
CA ILE A 93 -19.43 9.31 -15.74
C ILE A 93 -20.88 8.96 -15.45
N TRP A 94 -21.53 8.34 -16.43
CA TRP A 94 -22.95 8.02 -16.45
C TRP A 94 -23.08 6.52 -16.55
N ASN A 95 -24.08 5.97 -15.85
CA ASN A 95 -24.39 4.55 -15.94
C ASN A 95 -25.89 4.39 -15.84
N ASN A 96 -26.41 3.30 -16.40
CA ASN A 96 -27.82 3.00 -16.21
C ASN A 96 -27.97 1.85 -15.21
N GLY A 97 -29.13 1.20 -15.23
CA GLY A 97 -29.50 0.35 -14.12
C GLY A 97 -30.04 1.20 -12.99
N LYS A 98 -30.37 0.51 -11.90
CA LYS A 98 -31.11 1.12 -10.80
C LYS A 98 -30.38 2.32 -10.23
N GLY A 99 -31.12 3.42 -10.07
CA GLY A 99 -30.60 4.61 -9.44
C GLY A 99 -30.55 4.45 -7.93
N ILE A 100 -29.99 5.47 -7.30
CA ILE A 100 -29.89 5.54 -5.84
C ILE A 100 -31.28 5.92 -5.33
N PRO A 101 -31.77 5.29 -4.27
CA PRO A 101 -33.08 5.67 -3.73
C PRO A 101 -33.16 7.17 -3.44
N VAL A 102 -34.17 7.83 -4.01
CA VAL A 102 -34.33 9.27 -3.84
C VAL A 102 -35.39 9.45 -2.76
N VAL A 103 -34.93 9.45 -1.51
CA VAL A 103 -35.80 9.34 -0.36
C VAL A 103 -34.98 9.76 0.84
N GLU A 104 -35.66 10.19 1.89
CA GLU A 104 -34.96 10.62 3.09
C GLU A 104 -34.55 9.43 3.92
N HIS A 105 -33.29 9.41 4.34
CA HIS A 105 -32.74 8.37 5.19
C HIS A 105 -33.25 8.63 6.61
N LYS A 106 -33.99 7.68 7.16
CA LYS A 106 -34.71 7.96 8.40
C LYS A 106 -33.78 8.12 9.60
N VAL A 107 -32.58 7.56 9.55
CA VAL A 107 -31.64 7.67 10.65
C VAL A 107 -30.73 8.88 10.50
N GLU A 108 -30.18 9.08 9.30
CA GLU A 108 -29.24 10.17 9.08
C GLU A 108 -29.94 11.48 8.73
N LYS A 109 -31.25 11.46 8.48
CA LYS A 109 -32.03 12.68 8.30
C LYS A 109 -31.49 13.50 7.14
N MET A 110 -31.27 12.84 6.00
CA MET A 110 -31.05 13.54 4.74
C MET A 110 -31.31 12.56 3.60
N TYR A 111 -31.43 13.11 2.39
CA TYR A 111 -31.69 12.28 1.22
C TYR A 111 -30.49 11.38 0.96
N VAL A 112 -30.80 10.13 0.56
CA VAL A 112 -29.74 9.12 0.45
C VAL A 112 -28.58 9.61 -0.43
N PRO A 113 -28.83 10.13 -1.65
CA PRO A 113 -27.67 10.57 -2.47
C PRO A 113 -26.82 11.63 -1.78
N ALA A 114 -27.44 12.59 -1.10
CA ALA A 114 -26.65 13.59 -0.39
C ALA A 114 -25.81 12.94 0.70
N LEU A 115 -26.34 11.91 1.35
CA LEU A 115 -25.60 11.26 2.43
C LEU A 115 -24.37 10.54 1.91
N ILE A 116 -24.52 9.74 0.85
CA ILE A 116 -23.44 8.84 0.46
C ILE A 116 -22.46 9.49 -0.50
N PHE A 117 -22.75 10.69 -1.01
CA PHE A 117 -21.77 11.44 -1.79
C PHE A 117 -21.20 12.64 -1.05
N GLY A 118 -21.82 13.04 0.07
CA GLY A 118 -21.44 14.27 0.75
C GLY A 118 -20.97 14.10 2.17
N GLN A 119 -20.98 12.86 2.68
CA GLN A 119 -20.58 12.56 4.05
C GLN A 119 -19.58 11.44 4.04
N LEU A 120 -18.47 11.61 4.77
CA LEU A 120 -17.45 10.58 4.82
C LEU A 120 -17.96 9.32 5.54
N LEU A 121 -17.41 8.17 5.13
CA LEU A 121 -17.69 6.89 5.78
C LEU A 121 -19.15 6.49 5.61
N THR A 122 -19.64 6.55 4.37
CA THR A 122 -21.00 6.17 4.03
C THR A 122 -20.92 5.19 2.87
N SER A 123 -21.67 4.08 2.98
CA SER A 123 -21.49 2.99 2.03
C SER A 123 -22.65 2.00 2.17
N SER A 124 -22.94 1.29 1.08
CA SER A 124 -23.80 0.11 1.14
C SER A 124 -23.00 -1.17 1.35
N ASN A 125 -21.68 -1.06 1.53
CA ASN A 125 -20.80 -2.22 1.55
C ASN A 125 -20.24 -2.53 2.93
N TYR A 126 -20.92 -2.12 3.98
CA TYR A 126 -20.44 -2.26 5.35
C TYR A 126 -20.93 -3.55 6.02
N ASP A 127 -21.79 -4.33 5.38
CA ASP A 127 -22.31 -5.59 5.94
C ASP A 127 -21.63 -6.75 5.20
N ASP A 128 -20.55 -7.28 5.77
CA ASP A 128 -19.79 -8.33 5.11
C ASP A 128 -20.40 -9.71 5.31
N ASP A 129 -21.52 -9.83 6.04
CA ASP A 129 -22.29 -11.07 6.00
C ASP A 129 -22.81 -11.33 4.59
N GLU A 130 -23.06 -10.26 3.83
CA GLU A 130 -23.27 -10.35 2.39
CA GLU A 130 -23.28 -10.43 2.41
C GLU A 130 -21.92 -10.56 1.72
N LYS A 131 -21.84 -11.50 0.79
CA LYS A 131 -20.57 -11.78 0.13
C LYS A 131 -20.66 -11.20 -1.28
N LYS A 132 -20.23 -9.96 -1.41
CA LYS A 132 -20.36 -9.17 -2.63
C LYS A 132 -19.06 -9.16 -3.44
N VAL A 133 -19.21 -8.99 -4.75
CA VAL A 133 -18.04 -8.89 -5.63
C VAL A 133 -18.01 -7.52 -6.25
N THR A 134 -18.49 -6.53 -5.51
CA THR A 134 -18.29 -5.14 -5.87
C THR A 134 -16.87 -4.72 -5.50
N GLY A 135 -16.39 -3.68 -6.15
CA GLY A 135 -15.11 -3.10 -5.77
C GLY A 135 -15.18 -2.18 -4.57
N GLY A 136 -16.36 -1.66 -4.26
CA GLY A 136 -16.48 -0.74 -3.14
C GLY A 136 -16.40 -1.50 -1.81
N ARG A 137 -15.65 -0.94 -0.88
CA ARG A 137 -15.50 -1.54 0.43
C ARG A 137 -15.56 -0.54 1.57
N ASN A 138 -15.03 0.67 1.39
CA ASN A 138 -14.67 1.49 2.53
C ASN A 138 -15.55 2.69 2.80
N GLY A 139 -16.33 3.14 1.82
CA GLY A 139 -17.17 4.29 2.01
C GLY A 139 -16.47 5.63 1.88
N TYR A 140 -15.37 5.68 1.12
CA TYR A 140 -14.61 6.91 0.88
C TYR A 140 -14.66 7.41 -0.55
N GLY A 141 -14.58 6.49 -1.50
CA GLY A 141 -14.16 6.82 -2.86
C GLY A 141 -14.85 8.03 -3.46
N ALA A 142 -16.19 8.03 -3.46
CA ALA A 142 -16.88 9.14 -4.08
C ALA A 142 -16.64 10.45 -3.34
N LYS A 143 -16.58 10.41 -1.99
CA LYS A 143 -16.32 11.62 -1.25
C LYS A 143 -14.91 12.14 -1.55
N LEU A 144 -13.95 11.24 -1.75
CA LEU A 144 -12.59 11.67 -2.13
C LEU A 144 -12.60 12.42 -3.45
N CYS A 145 -13.34 11.92 -4.45
CA CYS A 145 -13.41 12.67 -5.70
C CYS A 145 -14.03 14.05 -5.48
N ASN A 146 -15.09 14.10 -4.65
CA ASN A 146 -15.74 15.38 -4.31
C ASN A 146 -14.74 16.34 -3.67
N ILE A 147 -14.02 15.88 -2.66
CA ILE A 147 -13.06 16.70 -1.93
C ILE A 147 -11.98 17.25 -2.87
N PHE A 148 -11.53 16.47 -3.84
CA PHE A 148 -10.51 16.93 -4.77
C PHE A 148 -11.12 17.48 -6.05
N SER A 149 -12.32 18.03 -5.95
CA SER A 149 -12.98 18.72 -7.05
C SER A 149 -13.40 20.12 -6.64
N THR A 150 -13.31 21.05 -7.58
CA THR A 150 -13.88 22.38 -7.37
C THR A 150 -15.38 22.39 -7.55
N LYS A 151 -15.92 21.44 -8.29
CA LYS A 151 -17.35 21.31 -8.54
C LYS A 151 -17.61 19.84 -8.79
N PHE A 152 -18.65 19.28 -8.14
CA PHE A 152 -18.91 17.85 -8.12
C PHE A 152 -20.43 17.70 -8.10
N THR A 153 -21.01 17.19 -9.18
CA THR A 153 -22.46 17.13 -9.35
C THR A 153 -22.91 15.67 -9.36
N VAL A 154 -23.91 15.36 -8.54
CA VAL A 154 -24.54 14.04 -8.49
C VAL A 154 -25.95 14.17 -9.00
N GLU A 155 -26.29 13.37 -10.01
CA GLU A 155 -27.66 13.25 -10.54
C GLU A 155 -28.01 11.77 -10.57
N THR A 156 -29.14 11.40 -9.97
CA THR A 156 -29.55 10.00 -9.95
C THR A 156 -31.07 9.99 -10.01
N ALA A 157 -31.62 9.05 -10.77
CA ALA A 157 -33.06 8.97 -10.99
C ALA A 157 -33.54 7.61 -10.53
N SER A 158 -34.60 7.58 -9.73
CA SER A 158 -35.11 6.35 -9.14
C SER A 158 -36.58 6.20 -9.52
N ARG A 159 -36.87 5.34 -10.50
CA ARG A 159 -38.27 5.11 -10.85
C ARG A 159 -39.04 4.54 -9.67
N GLU A 160 -38.40 3.69 -8.86
CA GLU A 160 -39.09 3.12 -7.71
C GLU A 160 -39.65 4.20 -6.80
N TYR A 161 -38.88 5.24 -6.55
CA TYR A 161 -39.34 6.35 -5.73
C TYR A 161 -39.94 7.48 -6.57
N LYS A 162 -40.04 7.29 -7.89
CA LYS A 162 -40.63 8.29 -8.78
C LYS A 162 -40.00 9.66 -8.61
N LYS A 163 -38.72 9.70 -8.30
CA LYS A 163 -38.07 10.99 -8.13
C LYS A 163 -36.69 10.95 -8.77
N MET A 164 -36.22 12.14 -9.10
CA MET A 164 -34.87 12.39 -9.59
C MET A 164 -34.23 13.39 -8.62
N PHE A 165 -32.95 13.16 -8.35
CA PHE A 165 -32.16 13.95 -7.41
C PHE A 165 -31.04 14.63 -8.17
N LYS A 166 -30.76 15.88 -7.85
CA LYS A 166 -29.58 16.51 -8.41
C LYS A 166 -29.04 17.53 -7.41
N GLN A 167 -27.74 17.46 -7.12
CA GLN A 167 -27.13 18.43 -6.22
C GLN A 167 -25.66 18.58 -6.58
N THR A 168 -25.14 19.79 -6.37
CA THR A 168 -23.76 20.10 -6.70
C THR A 168 -23.03 20.55 -5.44
N TRP A 169 -21.85 19.96 -5.21
CA TRP A 169 -20.92 20.41 -4.19
C TRP A 169 -19.83 21.24 -4.84
N MET A 170 -19.21 22.10 -4.04
CA MET A 170 -18.15 22.95 -4.55
C MET A 170 -17.05 23.12 -3.53
N ASP A 171 -15.91 23.59 -4.04
CA ASP A 171 -14.78 24.00 -3.21
C ASP A 171 -14.37 22.90 -2.25
N ASN A 172 -14.02 21.74 -2.82
CA ASN A 172 -13.46 20.63 -2.08
C ASN A 172 -14.44 20.13 -1.03
N MET A 173 -15.68 19.93 -1.46
CA MET A 173 -16.78 19.46 -0.62
C MET A 173 -17.01 20.36 0.58
N GLY A 174 -16.68 21.65 0.43
CA GLY A 174 -16.87 22.61 1.51
C GLY A 174 -18.26 23.20 1.51
N ARG A 175 -18.89 23.22 0.34
CA ARG A 175 -20.19 23.83 0.16
C ARG A 175 -21.05 22.94 -0.73
N ALA A 176 -22.37 23.05 -0.58
CA ALA A 176 -23.32 22.39 -1.47
C ALA A 176 -24.34 23.41 -1.96
N GLY A 177 -24.63 23.36 -3.25
CA GLY A 177 -25.71 24.15 -3.80
C GLY A 177 -27.05 23.60 -3.36
N GLU A 178 -28.09 24.07 -4.04
CA GLU A 178 -29.45 23.66 -3.70
C GLU A 178 -29.72 22.26 -4.23
N MET A 179 -30.39 21.44 -3.42
CA MET A 179 -30.83 20.10 -3.85
C MET A 179 -32.06 20.23 -4.74
N GLU A 180 -32.02 19.61 -5.92
CA GLU A 180 -33.14 19.61 -6.84
C GLU A 180 -33.79 18.24 -6.88
N LEU A 181 -35.10 18.20 -6.63
CA LEU A 181 -35.91 16.99 -6.65
C LEU A 181 -37.03 17.20 -7.66
N LYS A 182 -37.12 16.32 -8.65
CA LYS A 182 -38.16 16.43 -9.68
C LYS A 182 -38.87 15.09 -9.83
N PRO A 183 -40.15 15.09 -10.18
CA PRO A 183 -40.84 13.83 -10.47
C PRO A 183 -40.15 13.10 -11.61
N PHE A 184 -40.19 11.77 -11.56
CA PHE A 184 -39.47 10.96 -12.53
C PHE A 184 -40.20 9.66 -12.79
N ASN A 185 -40.21 9.22 -14.04
CA ASN A 185 -40.83 7.94 -14.37
C ASN A 185 -40.19 7.33 -15.61
N GLY A 186 -38.88 7.45 -15.75
CA GLY A 186 -38.20 6.86 -16.88
C GLY A 186 -37.30 5.71 -16.50
N GLU A 187 -36.26 5.48 -17.31
CA GLU A 187 -35.25 4.47 -17.02
C GLU A 187 -34.22 5.08 -16.06
N ASP A 188 -33.95 4.38 -14.96
CA ASP A 188 -33.01 4.85 -13.95
C ASP A 188 -31.62 5.12 -14.56
N TYR A 189 -30.88 6.01 -13.91
CA TYR A 189 -29.48 6.27 -14.23
C TYR A 189 -28.86 7.01 -13.06
N THR A 190 -27.53 7.06 -13.06
CA THR A 190 -26.76 7.91 -12.17
C THR A 190 -25.70 8.59 -13.02
N CYS A 191 -25.50 9.88 -12.82
CA CYS A 191 -24.46 10.60 -13.56
C CYS A 191 -23.69 11.49 -12.60
N ILE A 192 -22.38 11.27 -12.52
CA ILE A 192 -21.48 12.09 -11.70
C ILE A 192 -20.66 12.95 -12.65
N THR A 193 -20.69 14.27 -12.44
CA THR A 193 -19.95 15.22 -13.27
C THR A 193 -19.08 16.07 -12.36
N PHE A 194 -17.78 16.10 -12.61
CA PHE A 194 -16.89 16.81 -11.70
C PHE A 194 -15.79 17.54 -12.47
N GLN A 195 -15.33 18.62 -11.88
CA GLN A 195 -14.19 19.39 -12.37
C GLN A 195 -13.08 19.19 -11.35
N PRO A 196 -12.06 18.39 -11.65
CA PRO A 196 -11.03 18.15 -10.65
C PRO A 196 -10.31 19.45 -10.30
N ASP A 197 -9.95 19.58 -9.03
CA ASP A 197 -9.22 20.73 -8.51
C ASP A 197 -7.75 20.53 -8.88
N LEU A 198 -7.39 20.96 -10.09
CA LEU A 198 -6.04 20.73 -10.60
C LEU A 198 -4.97 21.44 -9.77
N SER A 199 -5.36 22.49 -9.03
CA SER A 199 -4.39 23.12 -8.16
C SER A 199 -3.91 22.18 -7.06
N LYS A 200 -4.76 21.25 -6.62
CA LYS A 200 -4.34 20.29 -5.61
C LYS A 200 -3.26 19.35 -6.16
N PHE A 201 -3.22 19.20 -7.48
CA PHE A 201 -2.28 18.32 -8.16
C PHE A 201 -1.17 19.10 -8.86
N LYS A 202 -1.09 20.41 -8.65
CA LYS A 202 -0.11 21.26 -9.32
C LYS A 202 -0.15 21.04 -10.82
N MET A 203 -1.36 21.01 -11.35
CA MET A 203 -1.57 20.88 -12.78
C MET A 203 -2.38 22.06 -13.29
N GLN A 204 -2.30 22.28 -14.60
CA GLN A 204 -3.08 23.31 -15.27
C GLN A 204 -4.19 22.79 -16.14
N SER A 205 -4.08 21.56 -16.65
CA SER A 205 -5.16 21.01 -17.47
C SER A 205 -5.02 19.50 -17.55
N LEU A 206 -6.07 18.85 -18.06
CA LEU A 206 -6.04 17.42 -18.36
C LEU A 206 -5.23 17.22 -19.63
N ASP A 207 -3.93 16.93 -19.47
CA ASP A 207 -3.03 16.92 -20.61
C ASP A 207 -3.05 15.56 -21.30
N LYS A 208 -2.21 15.44 -22.33
CA LYS A 208 -2.22 14.25 -23.16
C LYS A 208 -2.02 12.99 -22.33
N ASP A 209 -1.07 13.04 -21.39
CA ASP A 209 -0.71 11.83 -20.63
C ASP A 209 -1.80 11.39 -19.67
N ILE A 210 -2.42 12.32 -18.93
CA ILE A 210 -3.42 11.85 -17.98
C ILE A 210 -4.66 11.37 -18.75
N VAL A 211 -4.98 12.02 -19.87
CA VAL A 211 -6.09 11.56 -20.70
C VAL A 211 -5.82 10.17 -21.25
N ALA A 212 -4.59 9.93 -21.73
CA ALA A 212 -4.25 8.60 -22.23
C ALA A 212 -4.41 7.54 -21.14
N LEU A 213 -4.06 7.86 -19.91
CA LEU A 213 -4.28 6.93 -18.80
C LEU A 213 -5.76 6.73 -18.53
N MET A 214 -6.53 7.82 -18.52
CA MET A 214 -7.96 7.68 -18.22
C MET A 214 -8.68 6.89 -19.31
N VAL A 215 -8.31 7.11 -20.58
CA VAL A 215 -8.92 6.38 -21.66
C VAL A 215 -8.58 4.90 -21.56
N ARG A 216 -7.32 4.60 -21.23
CA ARG A 216 -6.97 3.19 -21.07
C ARG A 216 -7.77 2.56 -19.93
N ARG A 217 -8.03 3.33 -18.88
CA ARG A 217 -8.81 2.80 -17.76
C ARG A 217 -10.24 2.50 -18.20
N ALA A 218 -10.80 3.31 -19.09
CA ALA A 218 -12.12 3.01 -19.64
C ALA A 218 -12.10 1.74 -20.48
N TYR A 219 -11.01 1.51 -21.23
CA TYR A 219 -10.85 0.22 -21.91
C TYR A 219 -10.72 -0.92 -20.90
N ASP A 220 -10.01 -0.69 -19.78
CA ASP A 220 -9.93 -1.73 -18.73
C ASP A 220 -11.32 -2.19 -18.32
N ILE A 221 -12.20 -1.23 -18.04
CA ILE A 221 -13.56 -1.49 -17.61
C ILE A 221 -14.30 -2.27 -18.68
N ALA A 222 -14.13 -1.86 -19.94
CA ALA A 222 -14.77 -2.58 -21.03
C ALA A 222 -14.28 -4.02 -21.06
N GLY A 223 -13.01 -4.23 -20.73
CA GLY A 223 -12.45 -5.56 -20.81
C GLY A 223 -12.69 -6.43 -19.59
N SER A 224 -12.86 -5.81 -18.43
CA SER A 224 -12.98 -6.55 -17.18
C SER A 224 -14.43 -6.84 -16.78
N THR A 225 -15.38 -6.00 -17.20
CA THR A 225 -16.79 -6.25 -16.92
C THR A 225 -17.39 -7.19 -17.94
N LYS A 226 -18.57 -7.71 -17.59
CA LYS A 226 -19.37 -8.54 -18.48
C LYS A 226 -20.66 -7.79 -18.83
N ASP A 227 -21.02 -7.79 -20.11
CA ASP A 227 -22.30 -7.27 -20.59
C ASP A 227 -22.52 -5.81 -20.17
N VAL A 228 -21.47 -5.01 -20.28
CA VAL A 228 -21.56 -3.56 -20.14
C VAL A 228 -20.88 -2.94 -21.36
N LYS A 229 -21.64 -2.16 -22.11
CA LYS A 229 -21.07 -1.34 -23.18
C LYS A 229 -20.43 -0.10 -22.57
N VAL A 230 -19.26 0.28 -23.07
CA VAL A 230 -18.54 1.43 -22.55
C VAL A 230 -18.34 2.42 -23.67
N PHE A 231 -18.73 3.66 -23.41
CA PHE A 231 -18.57 4.73 -24.36
C PHE A 231 -17.57 5.74 -23.82
N LEU A 232 -16.72 6.25 -24.70
CA LEU A 232 -15.80 7.33 -24.38
C LEU A 232 -16.08 8.50 -25.30
N ASN A 233 -16.52 9.61 -24.71
CA ASN A 233 -16.91 10.81 -25.46
C ASN A 233 -17.83 10.46 -26.63
N GLY A 234 -18.87 9.70 -26.36
CA GLY A 234 -19.87 9.34 -27.34
C GLY A 234 -19.53 8.24 -28.32
N ASN A 235 -18.33 7.70 -28.26
CA ASN A 235 -17.87 6.63 -29.16
C ASN A 235 -17.82 5.31 -28.39
N LYS A 236 -18.41 4.27 -28.98
CA LYS A 236 -18.38 2.97 -28.33
C LYS A 236 -16.98 2.35 -28.45
N LEU A 237 -16.51 1.76 -27.34
CA LEU A 237 -15.19 1.13 -27.30
C LEU A 237 -15.27 -0.30 -27.80
N PRO A 238 -14.41 -0.70 -28.75
CA PRO A 238 -14.55 -2.02 -29.42
C PRO A 238 -13.87 -3.14 -28.66
N VAL A 239 -14.38 -3.43 -27.46
CA VAL A 239 -13.88 -4.50 -26.62
C VAL A 239 -15.02 -5.46 -26.38
N LYS A 240 -14.76 -6.76 -26.60
CA LYS A 240 -15.75 -7.82 -26.38
C LYS A 240 -15.07 -8.92 -25.58
N GLY A 241 -15.06 -8.78 -24.27
CA GLY A 241 -14.50 -9.84 -23.47
C GLY A 241 -13.05 -9.59 -23.12
N PHE A 242 -12.61 -10.26 -22.07
CA PHE A 242 -11.27 -10.02 -21.55
C PHE A 242 -10.21 -10.46 -22.55
N ARG A 243 -10.45 -11.52 -23.31
CA ARG A 243 -9.43 -11.99 -24.24
C ARG A 243 -9.17 -10.96 -25.33
N SER A 244 -10.22 -10.30 -25.83
CA SER A 244 -10.02 -9.27 -26.84
C SER A 244 -9.33 -8.05 -26.25
N TYR A 245 -9.52 -7.79 -24.95
CA TYR A 245 -8.78 -6.73 -24.28
C TYR A 245 -7.30 -7.09 -24.20
N VAL A 246 -7.00 -8.30 -23.75
CA VAL A 246 -5.60 -8.73 -23.67
C VAL A 246 -4.95 -8.69 -25.05
N ASP A 247 -5.73 -9.02 -26.10
CA ASP A 247 -5.17 -9.04 -27.44
C ASP A 247 -4.61 -7.66 -27.83
N MET A 248 -5.22 -6.59 -27.32
CA MET A 248 -4.72 -5.24 -27.63
C MET A 248 -3.28 -5.05 -27.15
N TYR A 249 -2.89 -5.75 -26.09
CA TYR A 249 -1.52 -5.65 -25.62
C TYR A 249 -0.57 -6.53 -26.42
N LEU A 250 -1.02 -7.70 -26.87
CA LEU A 250 -0.08 -8.69 -27.39
C LEU A 250 -0.20 -8.96 -28.88
N LYS A 251 -1.03 -8.21 -29.61
CA LYS A 251 -1.41 -8.63 -30.96
C LYS A 251 -0.21 -8.82 -31.89
N ASP A 252 0.62 -7.80 -32.05
CA ASP A 252 1.76 -7.91 -32.96
C ASP A 252 3.09 -8.14 -32.24
N LYS A 253 3.07 -8.69 -31.04
CA LYS A 253 4.25 -8.62 -30.19
C LYS A 253 5.17 -9.80 -30.46
N LEU A 254 6.46 -9.51 -30.56
CA LEU A 254 7.53 -10.45 -30.84
C LEU A 254 8.45 -10.53 -29.64
N ASP A 255 9.02 -11.71 -29.38
CA ASP A 255 10.07 -11.81 -28.38
C ASP A 255 11.35 -11.23 -28.99
N GLU A 256 12.49 -11.34 -28.28
CA GLU A 256 13.70 -10.65 -28.71
C GLU A 256 14.48 -11.43 -29.77
N THR A 257 14.19 -12.72 -29.98
CA THR A 257 14.80 -13.45 -31.09
C THR A 257 14.06 -13.19 -32.40
N GLY A 258 12.86 -12.61 -32.34
CA GLY A 258 12.11 -12.26 -33.52
C GLY A 258 10.81 -13.01 -33.71
N ASN A 259 10.56 -14.09 -32.95
CA ASN A 259 9.36 -14.88 -33.14
C ASN A 259 8.22 -14.29 -32.33
N SER A 260 6.99 -14.54 -32.78
CA SER A 260 5.82 -13.97 -32.15
C SER A 260 5.53 -14.64 -30.81
N LEU A 261 4.95 -13.85 -29.90
CA LEU A 261 4.68 -14.34 -28.56
C LEU A 261 3.60 -15.43 -28.61
N LYS A 262 3.81 -16.49 -27.84
CA LYS A 262 2.79 -17.53 -27.70
C LYS A 262 1.91 -17.23 -26.49
N VAL A 263 0.60 -17.16 -26.73
CA VAL A 263 -0.37 -16.66 -25.76
C VAL A 263 -1.33 -17.79 -25.39
N ILE A 264 -1.43 -18.06 -24.10
CA ILE A 264 -2.24 -19.15 -23.55
C ILE A 264 -3.40 -18.55 -22.79
N HIS A 265 -4.60 -19.05 -23.04
CA HIS A 265 -5.81 -18.45 -22.48
C HIS A 265 -6.72 -19.51 -21.89
N GLU A 266 -7.38 -19.16 -20.78
CA GLU A 266 -8.48 -19.98 -20.27
C GLU A 266 -9.46 -19.11 -19.50
N GLN A 267 -10.74 -19.19 -19.86
CA GLN A 267 -11.78 -18.64 -19.00
C GLN A 267 -12.08 -19.77 -18.01
N VAL A 268 -11.46 -19.73 -16.84
CA VAL A 268 -11.52 -20.88 -15.95
C VAL A 268 -12.93 -21.07 -15.42
N ASN A 269 -13.59 -20.00 -15.02
CA ASN A 269 -15.00 -20.06 -14.66
C ASN A 269 -15.55 -18.64 -14.78
N HIS A 270 -16.77 -18.45 -14.32
CA HIS A 270 -17.38 -17.14 -14.46
C HIS A 270 -16.75 -16.07 -13.55
N ARG A 271 -15.82 -16.42 -12.66
CA ARG A 271 -15.19 -15.41 -11.83
C ARG A 271 -13.70 -15.27 -12.08
N TRP A 272 -13.14 -16.08 -12.99
CA TRP A 272 -11.72 -16.06 -13.26
C TRP A 272 -11.41 -16.27 -14.74
N GLU A 273 -10.53 -15.42 -15.27
CA GLU A 273 -10.03 -15.54 -16.64
C GLU A 273 -8.56 -15.19 -16.63
N VAL A 274 -7.76 -16.01 -17.31
CA VAL A 274 -6.31 -15.93 -17.24
C VAL A 274 -5.71 -15.98 -18.64
N CYS A 275 -4.69 -15.16 -18.87
CA CYS A 275 -3.87 -15.23 -20.08
CA CYS A 275 -3.87 -15.26 -20.06
C CYS A 275 -2.40 -15.24 -19.65
N LEU A 276 -1.59 -16.03 -20.34
CA LEU A 276 -0.18 -16.15 -20.02
C LEU A 276 0.66 -16.06 -21.29
N THR A 277 1.72 -15.27 -21.25
CA THR A 277 2.73 -15.33 -22.29
C THR A 277 4.10 -15.10 -21.67
N MET A 278 5.12 -14.99 -22.51
CA MET A 278 6.49 -14.88 -22.06
C MET A 278 6.85 -13.43 -21.82
N SER A 279 7.77 -13.22 -20.88
CA SER A 279 8.28 -11.90 -20.56
C SER A 279 9.79 -11.89 -20.75
N GLU A 280 10.29 -10.79 -21.30
CA GLU A 280 11.70 -10.58 -21.48
C GLU A 280 12.26 -9.55 -20.51
N LYS A 281 11.41 -8.98 -19.65
CA LYS A 281 11.83 -7.92 -18.74
C LYS A 281 11.48 -8.24 -17.29
N GLY A 282 11.53 -9.50 -16.91
CA GLY A 282 11.11 -9.93 -15.58
C GLY A 282 9.62 -10.14 -15.52
N PHE A 283 9.17 -10.64 -14.36
CA PHE A 283 7.75 -10.91 -14.14
C PHE A 283 6.90 -9.67 -14.40
N GLN A 284 5.84 -9.86 -15.16
CA GLN A 284 4.86 -8.82 -15.46
C GLN A 284 3.48 -9.36 -15.15
N GLN A 285 2.64 -8.52 -14.57
CA GLN A 285 1.24 -8.87 -14.37
C GLN A 285 0.35 -7.67 -14.65
N ILE A 286 -0.77 -7.93 -15.31
CA ILE A 286 -1.85 -6.99 -15.50
C ILE A 286 -3.10 -7.66 -14.94
N SER A 287 -3.68 -7.09 -13.88
CA SER A 287 -4.72 -7.81 -13.19
C SER A 287 -5.82 -6.86 -12.70
N PHE A 288 -6.98 -7.47 -12.42
CA PHE A 288 -8.18 -6.78 -11.98
C PHE A 288 -8.89 -7.64 -10.94
N VAL A 289 -9.39 -6.97 -9.92
CA VAL A 289 -10.27 -7.54 -8.92
C VAL A 289 -11.52 -6.68 -8.88
N ASN A 290 -12.66 -7.27 -9.23
CA ASN A 290 -13.93 -6.56 -9.23
C ASN A 290 -13.83 -5.22 -9.99
N SER A 291 -13.18 -5.29 -11.15
CA SER A 291 -12.88 -4.20 -12.07
C SER A 291 -11.95 -3.12 -11.53
N ILE A 292 -11.40 -3.30 -10.33
CA ILE A 292 -10.29 -2.49 -9.84
C ILE A 292 -9.00 -2.93 -10.51
N ALA A 293 -8.22 -1.99 -11.01
CA ALA A 293 -6.91 -2.30 -11.57
C ALA A 293 -5.90 -2.45 -10.42
N THR A 294 -5.56 -3.70 -10.09
CA THR A 294 -4.61 -4.01 -9.02
C THR A 294 -3.18 -3.94 -9.58
N SER A 295 -2.69 -2.72 -9.72
CA SER A 295 -1.43 -2.48 -10.42
C SER A 295 -0.23 -3.03 -9.67
N LYS A 296 -0.35 -3.29 -8.37
CA LYS A 296 0.69 -3.96 -7.63
C LYS A 296 0.38 -5.42 -7.35
N GLY A 297 -0.67 -5.96 -7.96
CA GLY A 297 -0.94 -7.37 -7.85
C GLY A 297 -1.69 -7.74 -6.61
N GLY A 298 -1.28 -8.86 -5.99
CA GLY A 298 -1.96 -9.36 -4.81
C GLY A 298 -2.11 -10.86 -4.89
N ARG A 299 -2.82 -11.41 -3.90
CA ARG A 299 -2.89 -12.85 -3.74
C ARG A 299 -3.68 -13.53 -4.85
N HIS A 300 -4.52 -12.77 -5.57
CA HIS A 300 -5.17 -13.34 -6.74
C HIS A 300 -4.16 -13.65 -7.85
N VAL A 301 -3.18 -12.77 -8.04
CA VAL A 301 -2.12 -13.03 -9.01
C VAL A 301 -1.23 -14.17 -8.52
N ASP A 302 -0.79 -14.08 -7.27
CA ASP A 302 0.06 -15.15 -6.73
C ASP A 302 -0.61 -16.50 -6.88
N TYR A 303 -1.90 -16.57 -6.59
CA TYR A 303 -2.63 -17.83 -6.60
C TYR A 303 -2.59 -18.48 -7.98
N VAL A 304 -2.78 -17.70 -9.02
CA VAL A 304 -2.74 -18.23 -10.38
C VAL A 304 -1.31 -18.47 -10.82
N ALA A 305 -0.44 -17.47 -10.65
CA ALA A 305 0.93 -17.62 -11.16
C ALA A 305 1.64 -18.78 -10.48
N ASP A 306 1.42 -18.98 -9.18
CA ASP A 306 2.16 -19.99 -8.44
C ASP A 306 1.88 -21.40 -8.93
N GLN A 307 0.65 -21.70 -9.32
CA GLN A 307 0.44 -23.05 -9.82
C GLN A 307 1.06 -23.23 -11.19
N ILE A 308 1.24 -22.16 -11.96
CA ILE A 308 2.03 -22.28 -13.18
C ILE A 308 3.50 -22.49 -12.84
N VAL A 309 4.03 -21.70 -11.92
CA VAL A 309 5.46 -21.75 -11.62
C VAL A 309 5.86 -23.13 -11.10
N THR A 310 5.08 -23.68 -10.17
CA THR A 310 5.51 -24.95 -9.57
C THR A 310 5.47 -26.06 -10.62
N LYS A 311 4.50 -26.01 -11.53
CA LYS A 311 4.44 -27.02 -12.59
C LYS A 311 5.61 -26.87 -13.56
N LEU A 312 6.03 -25.64 -13.82
CA LEU A 312 7.18 -25.45 -14.70
C LEU A 312 8.48 -25.79 -14.00
N VAL A 313 8.65 -25.46 -12.72
CA VAL A 313 9.90 -25.89 -12.09
C VAL A 313 10.01 -27.41 -12.13
N ASP A 314 8.88 -28.13 -12.02
CA ASP A 314 8.94 -29.59 -12.10
C ASP A 314 9.33 -30.06 -13.50
N VAL A 315 8.98 -29.32 -14.54
CA VAL A 315 9.38 -29.75 -15.87
C VAL A 315 10.86 -29.48 -16.08
N VAL A 316 11.36 -28.38 -15.51
CA VAL A 316 12.78 -28.06 -15.70
C VAL A 316 13.66 -29.03 -14.92
N LYS A 317 13.19 -29.49 -13.76
CA LYS A 317 13.99 -30.41 -12.97
C LYS A 317 14.13 -31.75 -13.67
N LYS A 318 13.04 -32.29 -14.21
CA LYS A 318 13.11 -33.51 -15.01
C LYS A 318 14.29 -33.42 -15.99
N LYS A 319 14.57 -32.23 -16.49
CA LYS A 319 15.61 -32.05 -17.52
C LYS A 319 16.94 -31.59 -16.91
N ASN A 320 17.34 -32.24 -15.81
CA ASN A 320 18.66 -32.04 -15.20
C ASN A 320 19.23 -33.38 -14.71
N ALA A 325 17.90 -27.67 -10.43
CA ALA A 325 18.68 -26.64 -9.76
C ALA A 325 18.03 -25.26 -9.92
N VAL A 326 16.96 -25.19 -10.71
CA VAL A 326 16.32 -23.92 -11.02
C VAL A 326 15.35 -23.55 -9.90
N LYS A 327 15.29 -22.26 -9.60
CA LYS A 327 14.47 -21.73 -8.52
C LYS A 327 13.20 -21.10 -9.09
N ALA A 328 12.19 -20.99 -8.23
CA ALA A 328 10.89 -20.53 -8.68
C ALA A 328 10.93 -19.09 -9.17
N HIS A 329 11.73 -18.23 -8.53
CA HIS A 329 11.78 -16.84 -8.96
C HIS A 329 12.35 -16.72 -10.37
N GLN A 330 13.24 -17.66 -10.74
CA GLN A 330 13.76 -17.69 -12.11
C GLN A 330 12.66 -17.99 -13.11
N VAL A 331 11.79 -18.96 -12.78
CA VAL A 331 10.67 -19.25 -13.68
C VAL A 331 9.74 -18.05 -13.78
N LYS A 332 9.41 -17.47 -12.63
CA LYS A 332 8.46 -16.37 -12.60
C LYS A 332 8.98 -15.17 -13.40
N ASN A 333 10.29 -14.98 -13.45
CA ASN A 333 10.82 -13.83 -14.17
C ASN A 333 10.61 -13.92 -15.68
N HIS A 334 10.21 -15.07 -16.22
CA HIS A 334 9.92 -15.19 -17.65
C HIS A 334 8.44 -15.09 -17.96
N MET A 335 7.61 -14.80 -16.96
CA MET A 335 6.17 -14.87 -17.12
C MET A 335 5.56 -13.47 -17.22
N TRP A 336 4.63 -13.33 -18.17
CA TRP A 336 3.75 -12.17 -18.28
C TRP A 336 2.32 -12.69 -18.13
N ILE A 337 1.65 -12.34 -17.06
CA ILE A 337 0.35 -12.91 -16.79
C ILE A 337 -0.72 -11.83 -16.73
N PHE A 338 -1.91 -12.20 -17.22
CA PHE A 338 -3.11 -11.38 -17.16
C PHE A 338 -4.16 -12.13 -16.36
N VAL A 339 -4.78 -11.46 -15.38
CA VAL A 339 -5.80 -12.07 -14.53
C VAL A 339 -6.98 -11.13 -14.37
N ASN A 340 -8.18 -11.62 -14.62
CA ASN A 340 -9.40 -10.88 -14.31
C ASN A 340 -10.21 -11.71 -13.32
N ALA A 341 -10.42 -11.19 -12.13
CA ALA A 341 -11.02 -11.97 -11.06
C ALA A 341 -12.16 -11.22 -10.38
N LEU A 342 -13.14 -12.00 -9.93
CA LEU A 342 -14.19 -11.55 -9.01
C LEU A 342 -13.98 -12.21 -7.65
N ILE A 343 -13.76 -11.40 -6.63
CA ILE A 343 -13.36 -11.81 -5.29
C ILE A 343 -14.40 -11.27 -4.32
N GLU A 344 -14.85 -12.11 -3.41
CA GLU A 344 -15.80 -11.67 -2.39
C GLU A 344 -15.10 -10.87 -1.30
N ASN A 345 -15.66 -9.69 -1.00
CA ASN A 345 -15.23 -8.85 0.13
C ASN A 345 -13.70 -8.73 0.17
N PRO A 346 -13.08 -8.28 -0.90
CA PRO A 346 -11.61 -8.20 -0.92
C PRO A 346 -11.06 -7.19 0.07
N THR A 347 -9.84 -7.44 0.51
CA THR A 347 -9.07 -6.50 1.33
C THR A 347 -7.86 -6.01 0.54
N PHE A 348 -7.42 -4.81 0.91
CA PHE A 348 -6.30 -4.10 0.32
C PHE A 348 -5.60 -3.36 1.45
N ASP A 349 -4.30 -3.12 1.31
CA ASP A 349 -3.55 -2.39 2.33
CA ASP A 349 -3.63 -2.39 2.39
C ASP A 349 -3.78 -0.89 2.24
N SER A 350 -4.45 -0.41 1.18
CA SER A 350 -4.76 1.03 1.13
C SER A 350 -6.05 1.29 0.39
N GLN A 351 -6.57 2.52 0.57
CA GLN A 351 -7.75 2.94 -0.17
C GLN A 351 -7.54 2.90 -1.66
N THR A 352 -6.29 3.06 -2.11
CA THR A 352 -6.04 3.07 -3.54
C THR A 352 -6.19 1.70 -4.17
N LYS A 353 -6.20 0.63 -3.36
CA LYS A 353 -6.55 -0.73 -3.80
C LYS A 353 -5.66 -1.22 -4.94
N GLU A 354 -4.37 -0.95 -4.83
CA GLU A 354 -3.39 -1.42 -5.81
C GLU A 354 -2.89 -2.83 -5.52
N ASN A 355 -3.00 -3.29 -4.28
CA ASN A 355 -2.55 -4.63 -3.93
C ASN A 355 -3.61 -5.33 -3.09
N MET A 356 -4.11 -6.47 -3.58
CA MET A 356 -5.23 -7.18 -2.95
C MET A 356 -4.68 -8.28 -2.05
N THR A 357 -4.98 -8.17 -0.75
CA THR A 357 -4.30 -8.94 0.27
C THR A 357 -5.10 -10.13 0.82
N LEU A 358 -6.32 -10.37 0.33
CA LEU A 358 -7.15 -11.43 0.90
C LEU A 358 -6.59 -12.80 0.56
N GLN A 359 -6.58 -13.69 1.55
CA GLN A 359 -6.05 -15.03 1.35
C GLN A 359 -6.98 -15.84 0.44
N PRO A 360 -6.42 -16.71 -0.40
CA PRO A 360 -7.25 -17.49 -1.33
C PRO A 360 -8.38 -18.26 -0.69
N LYS A 361 -8.18 -18.77 0.52
CA LYS A 361 -9.23 -19.55 1.16
C LYS A 361 -10.48 -18.73 1.41
N SER A 362 -10.39 -17.40 1.34
CA SER A 362 -11.54 -16.54 1.55
C SER A 362 -12.10 -15.93 0.27
N PHE A 363 -11.54 -16.27 -0.89
CA PHE A 363 -11.96 -15.63 -2.14
C PHE A 363 -13.44 -15.83 -2.44
N GLY A 364 -14.01 -16.95 -2.02
CA GLY A 364 -15.36 -17.37 -2.42
C GLY A 364 -15.45 -18.16 -3.71
N SER A 365 -14.31 -18.40 -4.37
CA SER A 365 -14.27 -19.24 -5.54
C SER A 365 -12.84 -19.76 -5.64
N THR A 366 -12.62 -20.74 -6.50
CA THR A 366 -11.31 -21.28 -6.77
C THR A 366 -10.96 -21.05 -8.24
N CYS A 367 -9.68 -21.20 -8.58
CA CYS A 367 -9.19 -21.06 -9.96
C CYS A 367 -8.07 -22.09 -10.17
N GLN A 368 -8.46 -23.32 -10.44
CA GLN A 368 -7.51 -24.37 -10.76
C GLN A 368 -7.41 -24.44 -12.28
N LEU A 369 -6.23 -24.09 -12.80
CA LEU A 369 -6.01 -24.09 -14.24
C LEU A 369 -6.06 -25.52 -14.80
N SER A 370 -6.69 -25.66 -15.97
CA SER A 370 -6.88 -26.97 -16.59
C SER A 370 -5.56 -27.60 -17.03
N GLU A 371 -5.55 -28.93 -17.18
CA GLU A 371 -4.38 -29.62 -17.69
C GLU A 371 -4.07 -29.20 -19.12
N LYS A 372 -5.08 -28.83 -19.89
CA LYS A 372 -4.87 -28.26 -21.21
C LYS A 372 -4.06 -26.96 -21.13
N PHE A 373 -4.44 -26.06 -20.22
CA PHE A 373 -3.71 -24.81 -20.06
C PHE A 373 -2.26 -25.06 -19.69
N ILE A 374 -2.03 -25.92 -18.68
CA ILE A 374 -0.68 -26.17 -18.17
C ILE A 374 0.20 -26.74 -19.27
N LYS A 375 -0.34 -27.66 -20.07
CA LYS A 375 0.45 -28.26 -21.14
C LYS A 375 0.93 -27.19 -22.11
N ALA A 376 0.03 -26.31 -22.55
CA ALA A 376 0.40 -25.21 -23.43
C ALA A 376 1.38 -24.27 -22.76
N ALA A 377 1.28 -24.09 -21.45
CA ALA A 377 2.24 -23.23 -20.76
C ALA A 377 3.64 -23.84 -20.81
N ILE A 378 3.75 -25.17 -20.70
CA ILE A 378 5.06 -25.79 -20.83
C ILE A 378 5.66 -25.49 -22.19
N GLY A 379 4.84 -25.52 -23.22
CA GLY A 379 5.32 -25.19 -24.56
C GLY A 379 4.96 -23.79 -24.99
N CYS A 380 5.45 -22.77 -24.28
CA CYS A 380 5.23 -21.39 -24.67
C CYS A 380 6.52 -20.58 -24.68
N GLY A 381 7.67 -21.23 -24.47
CA GLY A 381 8.97 -20.58 -24.52
C GLY A 381 9.63 -20.37 -23.19
N ILE A 382 8.88 -20.48 -22.09
CA ILE A 382 9.48 -20.27 -20.77
C ILE A 382 10.43 -21.40 -20.42
N VAL A 383 10.01 -22.65 -20.64
CA VAL A 383 10.91 -23.76 -20.38
C VAL A 383 12.13 -23.69 -21.28
N GLU A 384 11.95 -23.22 -22.52
CA GLU A 384 13.09 -23.13 -23.44
C GLU A 384 14.14 -22.17 -22.90
N SER A 385 13.76 -20.93 -22.63
CA SER A 385 14.73 -19.94 -22.21
C SER A 385 15.48 -20.41 -20.97
N ILE A 386 14.78 -21.07 -20.04
CA ILE A 386 15.42 -21.51 -18.80
C ILE A 386 16.45 -22.59 -19.10
N LEU A 387 16.15 -23.51 -20.02
CA LEU A 387 17.08 -24.60 -20.30
C LEU A 387 18.31 -24.12 -21.03
N ASN A 388 18.20 -23.05 -21.84
CA ASN A 388 19.39 -22.48 -22.45
C ASN A 388 20.30 -21.83 -21.41
N TRP A 389 19.73 -21.29 -20.33
CA TRP A 389 20.56 -20.64 -19.31
C TRP A 389 21.36 -21.68 -18.52
N VAL A 390 20.71 -22.78 -18.12
CA VAL A 390 21.41 -23.81 -17.37
C VAL A 390 22.45 -24.51 -18.23
N LYS A 391 22.20 -24.60 -19.55
CA LYS A 391 23.22 -25.09 -20.47
C LYS A 391 24.43 -24.17 -20.43
N PHE A 392 24.19 -22.88 -20.67
CA PHE A 392 25.21 -21.83 -20.65
C PHE A 392 25.49 -21.41 -19.19
N LYS A 393 25.99 -22.36 -18.41
CA LYS A 393 26.39 -22.11 -17.04
C LYS A 393 27.87 -22.47 -16.84
N ALA B 3 -35.57 -5.26 2.86
CA ALA B 3 -34.29 -4.58 2.71
C ALA B 3 -34.41 -3.05 2.78
N SER B 4 -34.39 -2.52 4.00
CA SER B 4 -34.64 -1.10 4.19
C SER B 4 -33.44 -0.24 3.78
N VAL B 5 -33.75 1.00 3.38
CA VAL B 5 -32.74 1.98 3.01
C VAL B 5 -31.78 2.21 4.18
N GLU B 6 -32.30 2.22 5.41
CA GLU B 6 -31.44 2.48 6.56
C GLU B 6 -30.56 1.29 6.87
N ARG B 7 -30.96 0.08 6.48
CA ARG B 7 -30.06 -1.06 6.62
C ARG B 7 -29.02 -1.08 5.52
N ILE B 8 -29.44 -0.76 4.29
CA ILE B 8 -28.52 -0.80 3.16
C ILE B 8 -27.45 0.27 3.28
N TYR B 9 -27.86 1.51 3.46
CA TYR B 9 -26.93 2.62 3.45
C TYR B 9 -26.60 3.04 4.89
N GLN B 10 -25.34 2.91 5.26
CA GLN B 10 -24.95 3.14 6.64
C GLN B 10 -23.79 4.13 6.69
N LYS B 11 -23.77 4.90 7.78
CA LYS B 11 -22.67 5.79 8.10
C LYS B 11 -21.97 5.28 9.34
N LYS B 12 -20.64 5.32 9.33
CA LYS B 12 -19.87 4.83 10.47
C LYS B 12 -19.09 5.99 11.09
N THR B 13 -18.94 5.94 12.41
CA THR B 13 -17.99 6.85 13.02
C THR B 13 -16.57 6.43 12.63
N GLN B 14 -15.61 7.33 12.85
CA GLN B 14 -14.23 7.00 12.54
C GLN B 14 -13.80 5.76 13.32
N LEU B 15 -14.15 5.71 14.61
CA LEU B 15 -13.77 4.59 15.44
C LEU B 15 -14.42 3.30 14.96
N GLU B 16 -15.71 3.33 14.65
CA GLU B 16 -16.37 2.15 14.09
C GLU B 16 -15.67 1.70 12.81
N HIS B 17 -15.27 2.66 11.97
CA HIS B 17 -14.70 2.32 10.68
C HIS B 17 -13.37 1.58 10.85
N ILE B 18 -12.55 2.01 11.82
CA ILE B 18 -11.27 1.35 12.09
C ILE B 18 -11.49 -0.11 12.50
N LEU B 19 -12.44 -0.35 13.38
CA LEU B 19 -12.67 -1.75 13.78
C LEU B 19 -13.35 -2.56 12.67
N LEU B 20 -14.18 -1.94 11.86
CA LEU B 20 -14.85 -2.67 10.78
C LEU B 20 -13.94 -2.93 9.58
N ARG B 21 -13.03 -2.00 9.28
CA ARG B 21 -12.15 -2.09 8.11
C ARG B 21 -10.72 -1.84 8.58
N PRO B 22 -10.13 -2.79 9.30
CA PRO B 22 -8.80 -2.55 9.88
C PRO B 22 -7.69 -2.52 8.86
N ASP B 23 -7.90 -3.10 7.69
CA ASP B 23 -6.78 -3.41 6.80
C ASP B 23 -6.04 -2.15 6.36
N THR B 24 -6.74 -1.07 6.05
CA THR B 24 -5.98 0.09 5.59
C THR B 24 -5.33 0.83 6.75
N TYR B 25 -5.67 0.48 7.98
CA TYR B 25 -5.07 1.14 9.13
C TYR B 25 -3.87 0.38 9.69
N ILE B 26 -4.01 -0.93 9.90
CA ILE B 26 -2.98 -1.72 10.53
C ILE B 26 -2.55 -2.93 9.71
N GLY B 27 -3.13 -3.14 8.54
CA GLY B 27 -2.88 -4.35 7.79
C GLY B 27 -3.85 -5.47 8.16
N SER B 28 -3.58 -6.65 7.58
CA SER B 28 -4.51 -7.75 7.71
C SER B 28 -4.70 -8.17 9.17
N VAL B 29 -5.96 -8.44 9.54
CA VAL B 29 -6.27 -9.01 10.85
C VAL B 29 -6.52 -10.51 10.74
N GLU B 30 -6.15 -11.14 9.64
CA GLU B 30 -6.22 -12.58 9.48
C GLU B 30 -4.82 -13.18 9.42
N LEU B 31 -4.78 -14.49 9.55
CA LEU B 31 -3.51 -15.20 9.57
C LEU B 31 -2.80 -15.10 8.23
N VAL B 32 -1.48 -14.96 8.29
CA VAL B 32 -0.62 -14.99 7.12
C VAL B 32 0.50 -15.98 7.39
N THR B 33 0.84 -16.77 6.39
CA THR B 33 1.95 -17.71 6.49
C THR B 33 2.97 -17.40 5.39
N GLN B 34 4.17 -17.02 5.80
CA GLN B 34 5.22 -16.71 4.83
C GLN B 34 6.56 -16.62 5.54
N GLN B 35 7.61 -16.53 4.72
CA GLN B 35 8.97 -16.46 5.21
C GLN B 35 9.31 -15.05 5.67
N MET B 36 9.89 -14.95 6.87
CA MET B 36 10.20 -13.68 7.49
C MET B 36 11.52 -13.79 8.23
N TRP B 37 12.23 -12.66 8.33
CA TRP B 37 13.37 -12.60 9.24
C TRP B 37 12.84 -12.42 10.65
N VAL B 38 13.33 -13.26 11.58
CA VAL B 38 12.90 -13.20 12.98
C VAL B 38 14.13 -13.40 13.86
N TYR B 39 13.95 -13.19 15.16
CA TYR B 39 14.96 -13.51 16.17
C TYR B 39 14.37 -14.56 17.10
N ASP B 40 14.86 -15.79 17.02
CA ASP B 40 14.42 -16.87 17.89
C ASP B 40 15.35 -17.00 19.10
N GLU B 41 14.75 -17.33 20.24
CA GLU B 41 15.56 -17.59 21.43
C GLU B 41 16.48 -18.81 21.28
N ASP B 42 16.47 -19.44 20.10
CA ASP B 42 17.27 -20.62 19.82
C ASP B 42 18.56 -20.29 19.07
N VAL B 43 18.42 -19.71 17.89
CA VAL B 43 19.53 -19.48 16.97
C VAL B 43 19.72 -18.01 16.63
N GLY B 44 18.79 -17.14 16.99
CA GLY B 44 18.94 -15.74 16.70
C GLY B 44 18.36 -15.32 15.37
N ILE B 45 18.99 -14.33 14.73
CA ILE B 45 18.46 -13.86 13.46
C ILE B 45 18.47 -15.00 12.47
N ASN B 46 17.32 -15.26 11.88
CA ASN B 46 17.22 -16.32 10.89
C ASN B 46 15.96 -16.11 10.07
N TYR B 47 16.00 -16.64 8.86
CA TYR B 47 14.93 -16.55 7.88
C TYR B 47 14.18 -17.87 7.91
N ARG B 48 12.88 -17.83 8.24
CA ARG B 48 12.08 -19.04 8.28
C ARG B 48 10.60 -18.67 8.11
N GLU B 49 9.80 -19.68 7.73
CA GLU B 49 8.36 -19.49 7.63
C GLU B 49 7.78 -19.22 9.02
N VAL B 50 6.87 -18.25 9.08
CA VAL B 50 6.13 -17.95 10.29
C VAL B 50 4.66 -17.76 9.94
N THR B 51 3.81 -17.92 10.95
CA THR B 51 2.37 -17.71 10.84
C THR B 51 2.00 -16.65 11.88
N PHE B 52 1.47 -15.54 11.41
CA PHE B 52 1.25 -14.40 12.29
C PHE B 52 0.16 -13.53 11.69
N VAL B 53 -0.33 -12.60 12.51
CA VAL B 53 -1.36 -11.65 12.11
C VAL B 53 -0.66 -10.30 11.90
N PRO B 54 -0.60 -9.78 10.67
CA PRO B 54 0.11 -8.52 10.44
C PRO B 54 -0.35 -7.35 11.32
N GLY B 55 -1.65 -7.22 11.55
CA GLY B 55 -2.13 -6.09 12.34
C GLY B 55 -1.65 -6.10 13.79
N LEU B 56 -1.46 -7.28 14.37
CA LEU B 56 -0.90 -7.33 15.72
C LEU B 56 0.57 -6.91 15.72
N TYR B 57 1.34 -7.44 14.77
CA TYR B 57 2.69 -6.98 14.53
C TYR B 57 2.74 -5.46 14.36
N LYS B 58 1.76 -4.90 13.69
CA LYS B 58 1.81 -3.47 13.35
C LYS B 58 1.53 -2.58 14.54
N ILE B 59 0.58 -2.94 15.42
CA ILE B 59 0.30 -2.01 16.52
C ILE B 59 1.51 -1.93 17.45
N PHE B 60 2.25 -3.04 17.58
CA PHE B 60 3.53 -3.01 18.30
C PHE B 60 4.53 -2.06 17.63
N ASP B 61 4.65 -2.16 16.31
CA ASP B 61 5.55 -1.30 15.55
C ASP B 61 5.21 0.19 15.74
N GLU B 62 3.93 0.55 15.72
CA GLU B 62 3.56 1.95 15.87
C GLU B 62 4.12 2.53 17.15
N ILE B 63 4.02 1.79 18.26
CA ILE B 63 4.51 2.30 19.53
C ILE B 63 6.03 2.31 19.54
N LEU B 64 6.64 1.28 18.98
CA LEU B 64 8.10 1.23 18.93
C LEU B 64 8.67 2.38 18.11
N VAL B 65 8.09 2.66 16.94
CA VAL B 65 8.59 3.78 16.14
C VAL B 65 8.37 5.11 16.84
N ASN B 66 7.26 5.25 17.57
CA ASN B 66 7.05 6.47 18.36
C ASN B 66 8.19 6.70 19.36
N ALA B 67 8.66 5.63 20.00
CA ALA B 67 9.79 5.77 20.91
C ALA B 67 11.03 6.21 20.14
N ALA B 68 11.28 5.61 18.98
CA ALA B 68 12.41 6.02 18.17
C ALA B 68 12.26 7.47 17.71
N ASP B 69 11.04 7.88 17.37
CA ASP B 69 10.83 9.27 17.00
C ASP B 69 11.29 10.23 18.07
N ASN B 70 11.23 9.84 19.34
CA ASN B 70 11.57 10.77 20.41
C ASN B 70 13.06 11.09 20.45
N LYS B 71 13.89 10.23 19.84
CA LYS B 71 15.30 10.53 19.71
C LYS B 71 15.53 11.76 18.84
N GLN B 72 14.69 11.93 17.81
CA GLN B 72 14.78 13.11 16.95
C GLN B 72 14.26 14.34 17.68
N ARG B 73 13.21 14.18 18.48
CA ARG B 73 12.71 15.27 19.29
C ARG B 73 13.71 15.69 20.36
N ASP B 74 14.37 14.72 21.00
CA ASP B 74 15.34 15.00 22.08
C ASP B 74 16.57 14.12 21.87
N PRO B 75 17.62 14.65 21.24
CA PRO B 75 18.81 13.84 20.99
C PRO B 75 19.56 13.38 22.24
N LYS B 76 19.26 13.92 23.42
CA LYS B 76 19.83 13.40 24.65
C LYS B 76 19.18 12.10 25.11
N MET B 77 18.02 11.73 24.55
CA MET B 77 17.47 10.41 24.79
C MET B 77 18.55 9.38 24.48
N SER B 78 18.63 8.35 25.30
CA SER B 78 19.68 7.37 25.14
C SER B 78 19.19 5.93 25.09
N CYS B 79 17.95 5.67 25.47
CA CYS B 79 17.56 4.29 25.72
C CYS B 79 16.10 4.00 25.42
N ILE B 80 15.86 2.81 24.88
CA ILE B 80 14.54 2.22 24.76
C ILE B 80 14.58 0.83 25.42
N ARG B 81 13.58 0.54 26.24
CA ARG B 81 13.42 -0.76 26.87
C ARG B 81 12.06 -1.36 26.52
N VAL B 82 12.06 -2.60 26.02
CA VAL B 82 10.83 -3.28 25.59
C VAL B 82 10.59 -4.49 26.48
N THR B 83 9.34 -4.65 26.91
CA THR B 83 8.90 -5.82 27.65
C THR B 83 7.79 -6.54 26.87
N ILE B 84 7.94 -7.86 26.71
CA ILE B 84 6.92 -8.69 26.08
C ILE B 84 6.65 -9.88 27.01
N ASP B 85 5.41 -9.98 27.50
CA ASP B 85 5.05 -10.99 28.50
C ASP B 85 3.85 -11.77 27.98
N PRO B 86 4.09 -12.86 27.24
CA PRO B 86 2.97 -13.62 26.67
C PRO B 86 1.97 -14.08 27.71
N GLU B 87 2.44 -14.43 28.90
CA GLU B 87 1.58 -15.07 29.89
C GLU B 87 0.52 -14.11 30.41
N ASN B 88 0.85 -12.84 30.62
CA ASN B 88 -0.13 -11.84 31.03
C ASN B 88 -0.65 -11.01 29.86
N ASN B 89 -0.24 -11.33 28.64
CA ASN B 89 -0.66 -10.59 27.45
C ASN B 89 -0.43 -9.09 27.64
N LEU B 90 0.81 -8.75 27.97
CA LEU B 90 1.17 -7.38 28.30
C LEU B 90 2.44 -6.99 27.56
N ILE B 91 2.41 -5.83 26.90
CA ILE B 91 3.58 -5.27 26.24
C ILE B 91 3.81 -3.85 26.76
N SER B 92 5.07 -3.52 27.02
CA SER B 92 5.48 -2.20 27.46
C SER B 92 6.64 -1.71 26.60
N ILE B 93 6.61 -0.43 26.27
CA ILE B 93 7.71 0.21 25.54
C ILE B 93 8.03 1.51 26.28
N TRP B 94 9.27 1.63 26.74
CA TRP B 94 9.74 2.73 27.57
C TRP B 94 10.90 3.41 26.89
N ASN B 95 10.97 4.73 27.01
CA ASN B 95 12.10 5.50 26.50
C ASN B 95 12.38 6.64 27.45
N ASN B 96 13.62 7.12 27.43
CA ASN B 96 13.98 8.29 28.20
C ASN B 96 14.07 9.47 27.24
N GLY B 97 14.71 10.56 27.67
CA GLY B 97 14.55 11.80 26.97
C GLY B 97 13.25 12.49 27.35
N LYS B 98 13.01 13.61 26.68
CA LYS B 98 11.95 14.54 27.07
C LYS B 98 10.59 13.84 27.10
N GLY B 99 9.87 14.05 28.19
CA GLY B 99 8.51 13.57 28.27
C GLY B 99 7.53 14.45 27.53
N ILE B 100 6.30 13.97 27.48
CA ILE B 100 5.22 14.74 26.83
C ILE B 100 4.80 15.85 27.79
N PRO B 101 4.65 17.08 27.30
CA PRO B 101 4.21 18.17 28.19
C PRO B 101 2.91 17.85 28.92
N VAL B 102 2.94 17.95 30.25
CA VAL B 102 1.80 17.57 31.08
C VAL B 102 1.07 18.87 31.43
N VAL B 103 0.12 19.24 30.59
CA VAL B 103 -0.53 20.55 30.66
C VAL B 103 -1.81 20.48 29.84
N GLU B 104 -2.73 21.39 30.12
CA GLU B 104 -4.00 21.44 29.40
C GLU B 104 -3.80 22.16 28.07
N HIS B 105 -4.26 21.55 26.99
CA HIS B 105 -4.17 22.10 25.63
C HIS B 105 -5.21 23.19 25.48
N LYS B 106 -4.75 24.42 25.22
CA LYS B 106 -5.65 25.57 25.29
C LYS B 106 -6.70 25.54 24.18
N VAL B 107 -6.44 24.81 23.11
CA VAL B 107 -7.37 24.72 22.00
C VAL B 107 -8.29 23.51 22.13
N GLU B 108 -7.74 22.33 22.38
CA GLU B 108 -8.58 21.15 22.48
C GLU B 108 -9.09 20.91 23.90
N LYS B 109 -8.57 21.64 24.89
CA LYS B 109 -9.15 21.68 26.24
C LYS B 109 -9.21 20.29 26.87
N MET B 110 -8.06 19.62 26.85
CA MET B 110 -7.78 18.42 27.62
C MET B 110 -6.28 18.37 27.76
N TYR B 111 -5.79 17.55 28.66
CA TYR B 111 -4.35 17.44 28.85
C TYR B 111 -3.71 16.81 27.62
N VAL B 112 -2.53 17.31 27.25
CA VAL B 112 -1.90 16.91 26.00
C VAL B 112 -1.79 15.39 25.87
N PRO B 113 -1.24 14.65 26.85
CA PRO B 113 -1.14 13.19 26.65
C PRO B 113 -2.47 12.54 26.36
N ALA B 114 -3.53 12.98 27.04
CA ALA B 114 -4.86 12.44 26.77
C ALA B 114 -5.31 12.74 25.35
N LEU B 115 -4.93 13.91 24.83
CA LEU B 115 -5.33 14.29 23.48
C LEU B 115 -4.66 13.41 22.43
N ILE B 116 -3.34 13.23 22.54
CA ILE B 116 -2.59 12.61 21.46
C ILE B 116 -2.56 11.10 21.57
N PHE B 117 -3.04 10.51 22.67
CA PHE B 117 -3.22 9.08 22.75
C PHE B 117 -4.68 8.66 22.72
N GLY B 118 -5.62 9.59 22.91
CA GLY B 118 -7.02 9.22 23.04
C GLY B 118 -7.96 9.79 22.00
N GLN B 119 -7.45 10.61 21.10
CA GLN B 119 -8.27 11.27 20.10
C GLN B 119 -7.64 11.05 18.74
N LEU B 120 -8.46 10.64 17.77
CA LEU B 120 -7.96 10.39 16.43
C LEU B 120 -7.51 11.68 15.75
N LEU B 121 -6.54 11.55 14.83
CA LEU B 121 -6.04 12.66 14.00
C LEU B 121 -5.38 13.74 14.87
N THR B 122 -4.49 13.29 15.75
CA THR B 122 -3.71 14.16 16.62
C THR B 122 -2.23 13.82 16.48
N SER B 123 -1.39 14.84 16.37
CA SER B 123 0.01 14.63 16.01
C SER B 123 0.78 15.93 16.23
N SER B 124 2.08 15.77 16.49
CA SER B 124 3.00 16.90 16.43
C SER B 124 3.61 17.05 15.04
N ASN B 125 3.19 16.22 14.08
CA ASN B 125 3.83 16.14 12.77
C ASN B 125 2.99 16.70 11.64
N TYR B 126 2.06 17.61 11.94
CA TYR B 126 1.13 18.11 10.96
C TYR B 126 1.57 19.40 10.28
N ASP B 127 2.66 20.03 10.73
CA ASP B 127 3.18 21.27 10.13
C ASP B 127 4.39 20.91 9.30
N ASP B 128 4.17 20.74 8.01
CA ASP B 128 5.22 20.27 7.12
C ASP B 128 6.23 21.36 6.77
N ASP B 129 6.01 22.60 7.21
CA ASP B 129 7.07 23.61 7.11
C ASP B 129 8.26 23.24 7.99
N GLU B 130 8.04 22.47 9.05
CA GLU B 130 9.13 21.81 9.77
C GLU B 130 9.49 20.59 8.95
N LYS B 131 10.75 20.49 8.56
CA LYS B 131 11.22 19.36 7.77
C LYS B 131 11.82 18.34 8.73
N LYS B 132 10.96 17.48 9.27
CA LYS B 132 11.41 16.52 10.28
C LYS B 132 11.74 15.18 9.66
N VAL B 133 12.61 14.44 10.36
CA VAL B 133 12.96 13.09 9.92
C VAL B 133 12.43 12.08 10.92
N THR B 134 11.28 12.38 11.52
CA THR B 134 10.54 11.42 12.33
C THR B 134 9.74 10.47 11.45
N GLY B 135 9.40 9.30 12.01
CA GLY B 135 8.55 8.37 11.30
C GLY B 135 7.08 8.72 11.35
N GLY B 136 6.63 9.44 12.39
CA GLY B 136 5.23 9.77 12.49
C GLY B 136 4.87 10.84 11.47
N ARG B 137 3.72 10.62 10.82
CA ARG B 137 3.21 11.56 9.83
C ARG B 137 1.72 11.83 9.96
N ASN B 138 0.90 10.86 10.38
CA ASN B 138 -0.52 10.90 10.17
C ASN B 138 -1.39 11.17 11.38
N GLY B 139 -0.88 10.97 12.60
CA GLY B 139 -1.71 11.18 13.75
C GLY B 139 -2.64 10.03 14.09
N TYR B 140 -2.30 8.81 13.67
CA TYR B 140 -3.08 7.61 13.93
C TYR B 140 -2.42 6.61 14.86
N GLY B 141 -1.12 6.36 14.69
CA GLY B 141 -0.51 5.13 15.14
C GLY B 141 -0.84 4.74 16.57
N ALA B 142 -0.63 5.64 17.52
CA ALA B 142 -0.83 5.28 18.92
C ALA B 142 -2.31 5.04 19.22
N LYS B 143 -3.21 5.80 18.58
CA LYS B 143 -4.63 5.55 18.79
C LYS B 143 -5.03 4.19 18.19
N LEU B 144 -4.40 3.80 17.08
CA LEU B 144 -4.66 2.47 16.52
C LEU B 144 -4.26 1.37 17.49
N CYS B 145 -3.09 1.49 18.13
CA CYS B 145 -2.73 0.50 19.13
C CYS B 145 -3.75 0.49 20.26
N ASN B 146 -4.16 1.68 20.72
CA ASN B 146 -5.17 1.81 21.77
C ASN B 146 -6.46 1.11 21.36
N ILE B 147 -6.93 1.41 20.15
CA ILE B 147 -8.18 0.86 19.66
C ILE B 147 -8.13 -0.66 19.60
N PHE B 148 -6.98 -1.24 19.25
CA PHE B 148 -6.88 -2.69 19.17
C PHE B 148 -6.30 -3.31 20.44
N SER B 149 -6.54 -2.66 21.57
CA SER B 149 -6.16 -3.16 22.88
C SER B 149 -7.35 -3.17 23.83
N THR B 150 -7.39 -4.17 24.70
CA THR B 150 -8.38 -4.18 25.76
C THR B 150 -8.04 -3.21 26.88
N LYS B 151 -6.77 -2.88 27.04
CA LYS B 151 -6.32 -1.96 28.08
C LYS B 151 -5.04 -1.32 27.56
N PHE B 152 -4.94 -0.01 27.72
CA PHE B 152 -3.87 0.76 27.08
C PHE B 152 -3.51 1.90 28.02
N THR B 153 -2.30 1.87 28.55
CA THR B 153 -1.87 2.81 29.58
C THR B 153 -0.70 3.66 29.11
N VAL B 154 -0.83 4.98 29.28
CA VAL B 154 0.21 5.93 28.96
C VAL B 154 0.72 6.57 30.24
N GLU B 155 2.04 6.52 30.44
CA GLU B 155 2.68 7.21 31.54
C GLU B 155 3.85 8.03 31.00
N THR B 156 3.87 9.32 31.31
CA THR B 156 4.91 10.23 30.83
C THR B 156 5.16 11.29 31.89
N ALA B 157 6.44 11.59 32.09
CA ALA B 157 6.88 12.48 33.16
C ALA B 157 7.67 13.63 32.54
N SER B 158 7.31 14.85 32.92
CA SER B 158 7.89 16.05 32.34
C SER B 158 8.46 16.89 33.48
N ARG B 159 9.78 16.82 33.66
CA ARG B 159 10.42 17.66 34.67
C ARG B 159 10.18 19.13 34.37
N GLU B 160 10.12 19.48 33.09
CA GLU B 160 9.86 20.86 32.71
C GLU B 160 8.54 21.37 33.29
N TYR B 161 7.50 20.53 33.25
CA TYR B 161 6.19 20.82 33.82
C TYR B 161 6.06 20.31 35.25
N LYS B 162 7.14 19.75 35.78
CA LYS B 162 7.24 19.27 37.17
C LYS B 162 6.08 18.34 37.52
N LYS B 163 5.57 17.59 36.54
CA LYS B 163 4.47 16.67 36.79
C LYS B 163 4.66 15.37 36.02
N MET B 164 3.94 14.35 36.48
CA MET B 164 3.87 13.03 35.87
C MET B 164 2.41 12.76 35.53
N PHE B 165 2.19 12.17 34.36
CA PHE B 165 0.84 11.90 33.84
C PHE B 165 0.64 10.40 33.73
N LYS B 166 -0.56 9.94 34.07
CA LYS B 166 -0.93 8.55 33.84
C LYS B 166 -2.42 8.44 33.58
N GLN B 167 -2.79 7.70 32.53
CA GLN B 167 -4.18 7.43 32.24
C GLN B 167 -4.27 6.12 31.49
N THR B 168 -5.37 5.40 31.71
CA THR B 168 -5.61 4.10 31.10
C THR B 168 -6.92 4.16 30.33
N TRP B 169 -6.88 3.67 29.09
CA TRP B 169 -8.07 3.41 28.28
C TRP B 169 -8.37 1.92 28.28
N MET B 170 -9.62 1.58 28.00
CA MET B 170 -10.03 0.18 27.96
C MET B 170 -11.05 -0.06 26.85
N ASP B 171 -11.22 -1.33 26.51
CA ASP B 171 -12.27 -1.79 25.61
C ASP B 171 -12.21 -1.07 24.26
N ASN B 172 -11.07 -1.21 23.58
CA ASN B 172 -10.92 -0.69 22.23
C ASN B 172 -11.11 0.82 22.21
N MET B 173 -10.47 1.49 23.16
CA MET B 173 -10.57 2.94 23.34
C MET B 173 -12.03 3.37 23.53
N GLY B 174 -12.84 2.47 24.11
CA GLY B 174 -14.24 2.77 24.33
C GLY B 174 -14.47 3.52 25.62
N ARG B 175 -13.58 3.35 26.60
CA ARG B 175 -13.65 4.02 27.88
C ARG B 175 -12.25 4.42 28.31
N ALA B 176 -12.17 5.37 29.24
CA ALA B 176 -10.92 5.74 29.88
C ALA B 176 -11.08 5.77 31.39
N GLY B 177 -10.06 5.29 32.09
CA GLY B 177 -10.00 5.46 33.52
C GLY B 177 -9.73 6.90 33.88
N GLU B 178 -9.38 7.11 35.15
CA GLU B 178 -9.13 8.45 35.66
C GLU B 178 -7.69 8.88 35.37
N MET B 179 -7.54 10.16 35.00
CA MET B 179 -6.22 10.73 34.82
C MET B 179 -5.58 10.91 36.20
N GLU B 180 -4.36 10.41 36.35
CA GLU B 180 -3.60 10.52 37.59
C GLU B 180 -2.43 11.46 37.35
N LEU B 181 -2.34 12.50 38.18
CA LEU B 181 -1.31 13.52 38.08
C LEU B 181 -0.54 13.61 39.39
N LYS B 182 0.78 13.50 39.30
CA LYS B 182 1.63 13.62 40.47
C LYS B 182 2.78 14.58 40.17
N PRO B 183 3.23 15.35 41.17
CA PRO B 183 4.46 16.15 40.97
C PRO B 183 5.64 15.25 40.65
N PHE B 184 6.57 15.79 39.88
CA PHE B 184 7.68 15.01 39.35
C PHE B 184 8.89 15.91 39.24
N ASN B 185 10.06 15.34 39.54
CA ASN B 185 11.31 16.11 39.42
C ASN B 185 12.50 15.20 39.15
N GLY B 186 12.31 14.12 38.41
CA GLY B 186 13.38 13.19 38.09
C GLY B 186 13.72 13.23 36.62
N GLU B 187 14.24 12.13 36.11
CA GLU B 187 14.57 12.05 34.69
C GLU B 187 13.31 11.77 33.88
N ASP B 188 13.07 12.60 32.86
CA ASP B 188 11.89 12.39 32.03
C ASP B 188 11.91 11.00 31.42
N TYR B 189 10.73 10.47 31.15
CA TYR B 189 10.56 9.21 30.44
C TYR B 189 9.13 9.14 29.94
N THR B 190 8.88 8.21 29.02
CA THR B 190 7.54 7.85 28.62
C THR B 190 7.45 6.33 28.56
N CYS B 191 6.34 5.79 29.07
CA CYS B 191 6.14 4.34 29.05
C CYS B 191 4.72 4.03 28.60
N ILE B 192 4.61 3.26 27.53
CA ILE B 192 3.34 2.81 26.99
C ILE B 192 3.20 1.32 27.29
N THR B 193 2.10 0.95 27.95
CA THR B 193 1.84 -0.44 28.33
C THR B 193 0.46 -0.84 27.83
N PHE B 194 0.36 -1.94 27.08
CA PHE B 194 -0.92 -2.33 26.51
C PHE B 194 -1.12 -3.85 26.49
N GLN B 195 -2.39 -4.24 26.53
CA GLN B 195 -2.81 -5.63 26.36
C GLN B 195 -3.53 -5.75 25.04
N PRO B 196 -2.91 -6.31 24.00
CA PRO B 196 -3.57 -6.34 22.70
C PRO B 196 -4.82 -7.20 22.76
N ASP B 197 -5.87 -6.76 22.06
CA ASP B 197 -7.16 -7.45 22.03
C ASP B 197 -7.03 -8.66 21.11
N LEU B 198 -6.57 -9.76 21.68
CA LEU B 198 -6.28 -10.94 20.87
C LEU B 198 -7.52 -11.49 20.18
N SER B 199 -8.72 -11.24 20.70
CA SER B 199 -9.91 -11.70 20.01
C SER B 199 -10.07 -11.01 18.67
N LYS B 200 -9.67 -9.74 18.57
CA LYS B 200 -9.74 -9.04 17.30
C LYS B 200 -8.82 -9.70 16.27
N PHE B 201 -7.77 -10.37 16.74
CA PHE B 201 -6.81 -11.01 15.87
C PHE B 201 -7.02 -12.52 15.84
N LYS B 202 -8.12 -13.01 16.43
CA LYS B 202 -8.46 -14.43 16.50
C LYS B 202 -7.26 -15.24 16.97
N MET B 203 -6.62 -14.75 18.02
CA MET B 203 -5.46 -15.43 18.58
C MET B 203 -5.73 -15.79 20.04
N GLN B 204 -4.94 -16.74 20.54
CA GLN B 204 -5.09 -17.24 21.89
C GLN B 204 -4.05 -16.68 22.84
N SER B 205 -2.84 -16.43 22.35
CA SER B 205 -1.78 -15.83 23.14
C SER B 205 -0.74 -15.26 22.18
N LEU B 206 0.18 -14.46 22.73
CA LEU B 206 1.34 -14.00 21.97
C LEU B 206 2.28 -15.20 21.80
N ASP B 207 2.16 -15.91 20.67
CA ASP B 207 2.85 -17.19 20.50
C ASP B 207 4.29 -16.97 20.04
N LYS B 208 4.97 -18.07 19.70
CA LYS B 208 6.40 -18.02 19.39
C LYS B 208 6.70 -17.12 18.20
N ASP B 209 5.93 -17.26 17.13
CA ASP B 209 6.24 -16.55 15.89
C ASP B 209 6.06 -15.05 16.03
N ILE B 210 4.99 -14.61 16.69
CA ILE B 210 4.78 -13.17 16.77
C ILE B 210 5.81 -12.55 17.70
N VAL B 211 6.29 -13.28 18.72
CA VAL B 211 7.36 -12.77 19.57
C VAL B 211 8.66 -12.64 18.79
N ALA B 212 9.03 -13.67 18.03
CA ALA B 212 10.25 -13.60 17.23
C ALA B 212 10.21 -12.44 16.25
N LEU B 213 9.04 -12.16 15.66
CA LEU B 213 8.94 -10.99 14.79
C LEU B 213 9.13 -9.71 15.60
N MET B 214 8.49 -9.63 16.77
CA MET B 214 8.62 -8.41 17.56
C MET B 214 10.06 -8.21 18.02
N VAL B 215 10.75 -9.30 18.37
CA VAL B 215 12.13 -9.18 18.84
C VAL B 215 13.04 -8.73 17.71
N ARG B 216 12.87 -9.27 16.52
CA ARG B 216 13.70 -8.80 15.42
C ARG B 216 13.44 -7.34 15.14
N ARG B 217 12.19 -6.91 15.27
CA ARG B 217 11.86 -5.50 15.08
C ARG B 217 12.58 -4.64 16.11
N ALA B 218 12.71 -5.14 17.35
CA ALA B 218 13.51 -4.42 18.33
C ALA B 218 14.98 -4.37 17.93
N TYR B 219 15.50 -5.45 17.32
CA TYR B 219 16.83 -5.39 16.74
C TYR B 219 16.90 -4.37 15.61
N ASP B 220 15.86 -4.28 14.80
CA ASP B 220 15.81 -3.30 13.74
C ASP B 220 16.05 -1.90 14.32
N ILE B 221 15.38 -1.57 15.41
CA ILE B 221 15.48 -0.25 16.01
C ILE B 221 16.90 0.03 16.48
N ALA B 222 17.53 -0.97 17.11
CA ALA B 222 18.89 -0.82 17.61
C ALA B 222 19.87 -0.53 16.47
N GLY B 223 19.62 -1.08 15.29
CA GLY B 223 20.49 -0.91 14.15
C GLY B 223 20.20 0.30 13.28
N SER B 224 18.96 0.78 13.31
CA SER B 224 18.60 1.91 12.45
C SER B 224 18.80 3.24 13.15
N THR B 225 18.64 3.27 14.48
CA THR B 225 18.84 4.50 15.24
C THR B 225 20.32 4.68 15.56
N LYS B 226 20.68 5.89 15.98
CA LYS B 226 22.02 6.23 16.42
C LYS B 226 22.03 6.53 17.91
N ASP B 227 22.98 5.94 18.62
CA ASP B 227 23.22 6.26 20.03
C ASP B 227 21.96 6.04 20.86
N VAL B 228 21.27 4.94 20.58
CA VAL B 228 20.16 4.50 21.41
C VAL B 228 20.41 3.04 21.76
N LYS B 229 20.57 2.76 23.05
CA LYS B 229 20.64 1.38 23.52
C LYS B 229 19.22 0.83 23.58
N VAL B 230 19.08 -0.43 23.21
CA VAL B 230 17.76 -1.06 23.14
C VAL B 230 17.78 -2.30 24.01
N PHE B 231 16.83 -2.37 24.94
CA PHE B 231 16.69 -3.49 25.86
C PHE B 231 15.38 -4.21 25.59
N LEU B 232 15.42 -5.54 25.66
CA LEU B 232 14.22 -6.36 25.59
C LEU B 232 14.19 -7.30 26.78
N ASN B 233 13.17 -7.16 27.63
CA ASN B 233 13.09 -7.93 28.87
C ASN B 233 14.41 -7.87 29.64
N GLY B 234 14.89 -6.65 29.84
CA GLY B 234 16.07 -6.40 30.62
C GLY B 234 17.39 -6.75 29.96
N ASN B 235 17.35 -7.31 28.76
CA ASN B 235 18.56 -7.75 28.07
C ASN B 235 18.91 -6.75 26.98
N LYS B 236 20.15 -6.25 27.02
CA LYS B 236 20.58 -5.28 26.03
C LYS B 236 20.79 -5.94 24.68
N LEU B 237 20.35 -5.27 23.63
CA LEU B 237 20.57 -5.89 22.32
C LEU B 237 21.95 -5.52 21.79
N PRO B 238 22.77 -6.49 21.40
CA PRO B 238 24.18 -6.20 21.11
C PRO B 238 24.41 -5.70 19.68
N VAL B 239 23.82 -4.56 19.38
CA VAL B 239 23.95 -3.90 18.08
C VAL B 239 24.56 -2.52 18.31
N LYS B 240 25.62 -2.21 17.56
CA LYS B 240 26.23 -0.88 17.59
C LYS B 240 26.54 -0.47 16.15
N GLY B 241 25.59 0.19 15.52
CA GLY B 241 25.78 0.72 14.18
C GLY B 241 25.15 -0.16 13.13
N PHE B 242 24.81 0.46 11.99
CA PHE B 242 24.05 -0.26 10.97
C PHE B 242 24.85 -1.40 10.36
N ARG B 243 26.17 -1.25 10.22
CA ARG B 243 26.96 -2.31 9.60
C ARG B 243 26.93 -3.58 10.47
N SER B 244 26.97 -3.41 11.79
CA SER B 244 26.92 -4.57 12.68
C SER B 244 25.56 -5.24 12.66
N TYR B 245 24.49 -4.47 12.45
CA TYR B 245 23.17 -5.06 12.29
C TYR B 245 23.10 -5.89 11.02
N VAL B 246 23.59 -5.34 9.91
CA VAL B 246 23.58 -6.10 8.65
C VAL B 246 24.33 -7.41 8.83
N ASP B 247 25.41 -7.41 9.62
CA ASP B 247 26.19 -8.64 9.78
C ASP B 247 25.38 -9.78 10.36
N MET B 248 24.41 -9.48 11.24
CA MET B 248 23.58 -10.55 11.78
C MET B 248 22.83 -11.30 10.70
N TYR B 249 22.54 -10.63 9.58
CA TYR B 249 21.93 -11.29 8.44
C TYR B 249 22.96 -12.08 7.65
N LEU B 250 24.21 -11.67 7.70
CA LEU B 250 25.27 -12.21 6.87
C LEU B 250 26.22 -13.09 7.68
N LYS B 251 25.86 -13.39 8.94
CA LYS B 251 26.70 -14.25 9.79
C LYS B 251 26.96 -15.58 9.09
N ASP B 252 25.94 -16.13 8.42
CA ASP B 252 26.03 -17.36 7.64
C ASP B 252 26.40 -16.88 6.24
N LYS B 253 27.71 -16.68 6.04
CA LYS B 253 28.23 -15.83 4.98
C LYS B 253 28.65 -16.58 3.71
N LEU B 254 28.03 -17.70 3.36
CA LEU B 254 28.47 -18.43 2.19
C LEU B 254 27.44 -18.34 1.08
N ASP B 255 27.91 -18.08 -0.14
CA ASP B 255 27.11 -18.15 -1.35
C ASP B 255 26.98 -19.61 -1.77
N GLU B 256 26.45 -19.83 -2.96
CA GLU B 256 26.19 -21.18 -3.44
C GLU B 256 27.43 -21.85 -4.02
N THR B 257 28.50 -21.09 -4.27
CA THR B 257 29.76 -21.68 -4.67
C THR B 257 30.60 -22.15 -3.49
N GLY B 258 30.32 -21.65 -2.29
CA GLY B 258 31.02 -22.03 -1.08
C GLY B 258 31.87 -20.94 -0.47
N ASN B 259 32.08 -19.84 -1.18
CA ASN B 259 32.95 -18.77 -0.71
C ASN B 259 32.20 -17.82 0.21
N SER B 260 32.95 -17.06 1.00
CA SER B 260 32.35 -16.12 1.92
C SER B 260 31.71 -14.97 1.14
N LEU B 261 30.64 -14.41 1.69
CA LEU B 261 29.94 -13.32 1.04
C LEU B 261 30.79 -12.05 1.05
N LYS B 262 30.83 -11.38 -0.11
CA LYS B 262 31.54 -10.12 -0.27
C LYS B 262 30.57 -8.97 -0.03
N VAL B 263 30.89 -8.12 0.94
CA VAL B 263 29.98 -7.06 1.40
C VAL B 263 30.63 -5.69 1.20
N ILE B 264 29.94 -4.81 0.50
CA ILE B 264 30.42 -3.46 0.20
C ILE B 264 29.59 -2.49 1.02
N HIS B 265 30.28 -1.58 1.71
CA HIS B 265 29.61 -0.71 2.67
C HIS B 265 30.06 0.74 2.53
N GLU B 266 29.11 1.65 2.73
CA GLU B 266 29.49 3.06 2.86
C GLU B 266 28.50 3.81 3.71
N GLN B 267 29.00 4.54 4.71
CA GLN B 267 28.23 5.57 5.40
C GLN B 267 28.41 6.86 4.62
N VAL B 268 27.45 7.17 3.75
CA VAL B 268 27.59 8.26 2.80
C VAL B 268 27.53 9.61 3.52
N ASN B 269 26.60 9.76 4.47
CA ASN B 269 26.54 10.97 5.30
C ASN B 269 25.72 10.64 6.54
N HIS B 270 25.36 11.67 7.30
CA HIS B 270 24.63 11.40 8.54
C HIS B 270 23.21 10.91 8.30
N ARG B 271 22.76 10.86 7.04
CA ARG B 271 21.40 10.41 6.75
C ARG B 271 21.30 9.17 5.88
N TRP B 272 22.40 8.63 5.39
CA TRP B 272 22.35 7.48 4.49
C TRP B 272 23.47 6.50 4.83
N GLU B 273 23.13 5.22 4.93
CA GLU B 273 24.13 4.16 5.09
C GLU B 273 23.67 2.98 4.24
N VAL B 274 24.61 2.41 3.48
CA VAL B 274 24.29 1.43 2.45
C VAL B 274 25.24 0.25 2.56
N CYS B 275 24.69 -0.95 2.55
CA CYS B 275 25.45 -2.17 2.36
C CYS B 275 24.90 -2.91 1.13
N LEU B 276 25.79 -3.49 0.36
CA LEU B 276 25.42 -4.28 -0.81
C LEU B 276 26.16 -5.61 -0.75
N THR B 277 25.44 -6.69 -1.02
CA THR B 277 26.06 -7.99 -1.26
C THR B 277 25.30 -8.65 -2.39
N MET B 278 25.68 -9.89 -2.69
CA MET B 278 25.13 -10.61 -3.83
C MET B 278 23.93 -11.44 -3.36
N SER B 279 22.99 -11.65 -4.28
CA SER B 279 21.83 -12.49 -4.04
C SER B 279 21.71 -13.51 -5.17
N GLU B 280 21.35 -14.75 -4.80
CA GLU B 280 20.99 -15.78 -5.77
C GLU B 280 19.50 -16.09 -5.75
N LYS B 281 18.71 -15.31 -5.01
CA LYS B 281 17.27 -15.52 -4.89
C LYS B 281 16.50 -14.30 -5.36
N GLY B 282 17.03 -13.61 -6.38
CA GLY B 282 16.40 -12.43 -6.91
C GLY B 282 16.72 -11.20 -6.08
N PHE B 283 16.29 -10.06 -6.60
CA PHE B 283 16.54 -8.82 -5.88
C PHE B 283 16.02 -8.91 -4.45
N GLN B 284 16.84 -8.50 -3.51
CA GLN B 284 16.44 -8.42 -2.11
C GLN B 284 16.77 -7.04 -1.57
N GLN B 285 15.89 -6.50 -0.76
CA GLN B 285 16.20 -5.25 -0.05
C GLN B 285 15.70 -5.33 1.38
N ILE B 286 16.53 -4.85 2.29
CA ILE B 286 16.16 -4.61 3.68
C ILE B 286 16.44 -3.15 3.96
N SER B 287 15.38 -2.37 4.22
CA SER B 287 15.58 -0.92 4.32
C SER B 287 14.71 -0.31 5.41
N PHE B 288 15.09 0.92 5.79
CA PHE B 288 14.45 1.70 6.84
C PHE B 288 14.43 3.16 6.44
N VAL B 289 13.32 3.81 6.77
CA VAL B 289 13.17 5.25 6.61
C VAL B 289 12.73 5.79 7.96
N ASN B 290 13.57 6.63 8.58
CA ASN B 290 13.24 7.20 9.88
C ASN B 290 12.83 6.10 10.86
N SER B 291 13.58 5.01 10.83
CA SER B 291 13.44 3.78 11.60
C SER B 291 12.18 2.98 11.30
N ILE B 292 11.38 3.38 10.30
CA ILE B 292 10.31 2.52 9.78
C ILE B 292 10.90 1.41 8.94
N ALA B 293 10.44 0.17 9.17
CA ALA B 293 10.83 -0.95 8.32
C ALA B 293 9.99 -0.90 7.05
N THR B 294 10.58 -0.39 5.97
CA THR B 294 9.90 -0.27 4.68
C THR B 294 10.05 -1.60 3.94
N SER B 295 9.23 -2.57 4.37
CA SER B 295 9.39 -3.94 3.90
C SER B 295 9.02 -4.12 2.42
N LYS B 296 8.29 -3.17 1.82
CA LYS B 296 8.06 -3.21 0.39
C LYS B 296 8.91 -2.19 -0.35
N GLY B 297 9.88 -1.58 0.32
CA GLY B 297 10.83 -0.74 -0.37
C GLY B 297 10.36 0.68 -0.57
N GLY B 298 10.63 1.23 -1.76
CA GLY B 298 10.30 2.61 -2.00
C GLY B 298 11.40 3.37 -2.72
N ARG B 299 11.19 4.68 -2.91
CA ARG B 299 12.08 5.46 -3.77
C ARG B 299 13.45 5.66 -3.15
N HIS B 300 13.57 5.52 -1.83
CA HIS B 300 14.90 5.54 -1.21
C HIS B 300 15.70 4.32 -1.63
N VAL B 301 15.07 3.15 -1.73
CA VAL B 301 15.79 1.98 -2.22
C VAL B 301 16.15 2.18 -3.69
N ASP B 302 15.17 2.58 -4.52
CA ASP B 302 15.43 2.78 -5.94
C ASP B 302 16.56 3.79 -6.16
N TYR B 303 16.54 4.87 -5.39
CA TYR B 303 17.51 5.93 -5.55
C TYR B 303 18.93 5.39 -5.38
N VAL B 304 19.10 4.47 -4.43
CA VAL B 304 20.41 3.86 -4.19
C VAL B 304 20.69 2.76 -5.20
N ALA B 305 19.76 1.81 -5.34
CA ALA B 305 20.04 0.64 -6.18
C ALA B 305 20.28 1.05 -7.63
N ASP B 306 19.53 2.05 -8.11
CA ASP B 306 19.62 2.42 -9.52
C ASP B 306 20.98 2.99 -9.88
N GLN B 307 21.62 3.77 -8.99
CA GLN B 307 22.93 4.27 -9.37
C GLN B 307 23.99 3.17 -9.33
N ILE B 308 23.74 2.10 -8.58
CA ILE B 308 24.60 0.92 -8.70
C ILE B 308 24.36 0.23 -10.03
N VAL B 309 23.09 0.01 -10.37
CA VAL B 309 22.74 -0.74 -11.58
C VAL B 309 23.29 -0.04 -12.82
N THR B 310 23.10 1.27 -12.91
CA THR B 310 23.46 2.00 -14.12
C THR B 310 24.97 2.00 -14.35
N LYS B 311 25.75 2.06 -13.28
CA LYS B 311 27.20 1.96 -13.43
C LYS B 311 27.63 0.57 -13.86
N LEU B 312 26.90 -0.48 -13.43
CA LEU B 312 27.28 -1.82 -13.86
C LEU B 312 26.87 -2.06 -15.30
N VAL B 313 25.69 -1.56 -15.70
CA VAL B 313 25.28 -1.68 -17.09
C VAL B 313 26.28 -0.98 -18.01
N ASP B 314 26.86 0.13 -17.54
CA ASP B 314 27.86 0.84 -18.33
C ASP B 314 29.17 0.06 -18.41
N VAL B 315 29.45 -0.77 -17.40
CA VAL B 315 30.67 -1.57 -17.42
C VAL B 315 30.55 -2.75 -18.38
N VAL B 316 29.36 -3.34 -18.51
CA VAL B 316 29.21 -4.49 -19.39
C VAL B 316 29.25 -4.07 -20.85
N LYS B 317 28.81 -2.86 -21.18
CA LYS B 317 28.88 -2.38 -22.56
C LYS B 317 30.33 -2.29 -23.02
N LYS B 318 31.19 -1.67 -22.20
CA LYS B 318 32.61 -1.60 -22.48
C LYS B 318 33.12 -2.96 -22.96
N LYS B 319 32.63 -4.02 -22.32
CA LYS B 319 33.07 -5.38 -22.56
C LYS B 319 32.07 -6.15 -23.43
N ASN B 320 31.57 -5.52 -24.49
CA ASN B 320 30.74 -6.22 -25.46
C ASN B 320 30.97 -5.64 -26.86
N ALA B 325 23.07 -4.39 -24.62
CA ALA B 325 22.03 -5.38 -24.87
C ALA B 325 21.49 -5.94 -23.56
N VAL B 326 22.11 -5.53 -22.45
CA VAL B 326 21.76 -6.02 -21.11
C VAL B 326 20.66 -5.16 -20.52
N LYS B 327 19.78 -5.78 -19.74
CA LYS B 327 18.69 -5.07 -19.09
C LYS B 327 18.94 -4.88 -17.61
N ALA B 328 18.34 -3.82 -17.07
CA ALA B 328 18.59 -3.44 -15.68
C ALA B 328 18.09 -4.48 -14.70
N HIS B 329 16.96 -5.12 -15.00
CA HIS B 329 16.40 -6.09 -14.04
C HIS B 329 17.34 -7.26 -13.84
N GLN B 330 18.12 -7.60 -14.86
CA GLN B 330 19.08 -8.67 -14.74
C GLN B 330 20.14 -8.34 -13.70
N VAL B 331 20.63 -7.09 -13.72
CA VAL B 331 21.61 -6.66 -12.74
C VAL B 331 20.99 -6.70 -11.35
N LYS B 332 19.81 -6.11 -11.22
CA LYS B 332 19.15 -6.04 -9.92
C LYS B 332 18.90 -7.42 -9.33
N ASN B 333 18.66 -8.43 -10.15
CA ASN B 333 18.30 -9.72 -9.58
C ASN B 333 19.45 -10.36 -8.81
N HIS B 334 20.68 -9.88 -8.95
CA HIS B 334 21.80 -10.42 -8.20
C HIS B 334 22.15 -9.57 -6.98
N MET B 335 21.32 -8.60 -6.65
CA MET B 335 21.61 -7.64 -5.61
C MET B 335 20.80 -7.92 -4.35
N TRP B 336 21.48 -7.86 -3.22
CA TRP B 336 20.88 -7.85 -1.88
C TRP B 336 21.37 -6.56 -1.23
N ILE B 337 20.48 -5.60 -1.05
CA ILE B 337 20.87 -4.25 -0.65
C ILE B 337 20.24 -3.92 0.70
N PHE B 338 21.00 -3.22 1.54
CA PHE B 338 20.54 -2.73 2.83
C PHE B 338 20.64 -1.21 2.80
N VAL B 339 19.59 -0.51 3.21
CA VAL B 339 19.59 0.94 3.19
C VAL B 339 18.99 1.46 4.48
N ASN B 340 19.70 2.37 5.15
CA ASN B 340 19.18 3.07 6.31
C ASN B 340 19.19 4.56 6.01
N ALA B 341 18.00 5.17 5.94
CA ALA B 341 17.87 6.54 5.48
C ALA B 341 17.04 7.37 6.46
N LEU B 342 17.39 8.65 6.53
CA LEU B 342 16.59 9.68 7.16
C LEU B 342 16.06 10.63 6.07
N ILE B 343 14.74 10.70 5.97
CA ILE B 343 14.04 11.39 4.88
C ILE B 343 13.13 12.44 5.49
N GLU B 344 13.13 13.64 4.92
CA GLU B 344 12.23 14.68 5.41
C GLU B 344 10.81 14.42 4.94
N ASN B 345 9.85 14.48 5.88
CA ASN B 345 8.42 14.43 5.61
C ASN B 345 8.07 13.35 4.57
N PRO B 346 8.45 12.10 4.82
CA PRO B 346 8.17 11.04 3.84
C PRO B 346 6.68 10.82 3.66
N THR B 347 6.34 10.35 2.46
CA THR B 347 5.00 9.88 2.12
C THR B 347 5.02 8.38 1.89
N PHE B 348 3.84 7.76 2.09
CA PHE B 348 3.64 6.33 1.94
C PHE B 348 2.24 6.07 1.40
N ASP B 349 2.09 4.91 0.74
CA ASP B 349 0.82 4.40 0.23
C ASP B 349 -0.23 4.18 1.30
N SER B 350 0.18 3.85 2.51
CA SER B 350 -0.76 3.39 3.51
C SER B 350 -0.22 3.74 4.88
N GLN B 351 -1.11 3.65 5.87
CA GLN B 351 -0.70 3.87 7.25
C GLN B 351 0.36 2.88 7.67
N THR B 352 0.40 1.69 7.05
CA THR B 352 1.39 0.71 7.47
C THR B 352 2.81 1.08 7.03
N LYS B 353 2.96 2.02 6.11
CA LYS B 353 4.25 2.60 5.72
C LYS B 353 5.26 1.55 5.29
N GLU B 354 4.80 0.58 4.49
CA GLU B 354 5.71 -0.43 3.95
C GLU B 354 6.39 0.02 2.67
N ASN B 355 5.85 1.02 1.97
CA ASN B 355 6.45 1.51 0.75
C ASN B 355 6.49 3.03 0.77
N MET B 356 7.71 3.59 0.68
CA MET B 356 7.94 5.03 0.80
C MET B 356 7.94 5.64 -0.60
N THR B 357 6.99 6.53 -0.87
CA THR B 357 6.70 6.99 -2.22
C THR B 357 7.26 8.37 -2.54
N LEU B 358 7.92 9.02 -1.60
CA LEU B 358 8.39 10.39 -1.83
C LEU B 358 9.51 10.42 -2.87
N GLN B 359 9.45 11.41 -3.77
CA GLN B 359 10.47 11.53 -4.81
C GLN B 359 11.80 12.03 -4.25
N PRO B 360 12.92 11.61 -4.85
CA PRO B 360 14.24 12.05 -4.33
C PRO B 360 14.43 13.55 -4.26
N LYS B 361 13.85 14.32 -5.18
CA LYS B 361 14.04 15.75 -5.13
C LYS B 361 13.52 16.36 -3.84
N SER B 362 12.68 15.64 -3.10
CA SER B 362 12.11 16.14 -1.85
C SER B 362 12.76 15.53 -0.61
N PHE B 363 13.76 14.67 -0.79
CA PHE B 363 14.32 13.94 0.35
C PHE B 363 14.92 14.86 1.42
N GLY B 364 15.47 16.00 1.03
CA GLY B 364 16.19 16.86 1.95
C GLY B 364 17.67 16.56 2.13
N SER B 365 18.20 15.55 1.43
CA SER B 365 19.60 15.18 1.41
C SER B 365 19.81 14.43 0.10
N THR B 366 21.06 14.18 -0.25
CA THR B 366 21.39 13.34 -1.39
C THR B 366 22.16 12.13 -0.87
N CYS B 367 22.31 11.14 -1.73
CA CYS B 367 23.07 9.93 -1.41
C CYS B 367 23.77 9.51 -2.71
N GLN B 368 24.88 10.17 -3.02
CA GLN B 368 25.71 9.80 -4.16
C GLN B 368 26.80 8.86 -3.67
N LEU B 369 26.72 7.60 -4.08
CA LEU B 369 27.67 6.60 -3.63
C LEU B 369 29.08 6.93 -4.12
N SER B 370 30.06 6.72 -3.24
CA SER B 370 31.43 7.09 -3.55
C SER B 370 31.96 6.27 -4.72
N GLU B 371 32.95 6.84 -5.41
CA GLU B 371 33.57 6.10 -6.51
C GLU B 371 34.25 4.83 -6.01
N LYS B 372 34.73 4.83 -4.77
CA LYS B 372 35.30 3.61 -4.20
C LYS B 372 34.22 2.55 -4.01
N PHE B 373 33.05 2.96 -3.49
CA PHE B 373 31.94 2.03 -3.37
C PHE B 373 31.59 1.45 -4.74
N ILE B 374 31.48 2.32 -5.75
CA ILE B 374 31.10 1.87 -7.08
C ILE B 374 32.13 0.89 -7.62
N LYS B 375 33.42 1.22 -7.46
CA LYS B 375 34.47 0.35 -7.96
C LYS B 375 34.37 -1.02 -7.32
N ALA B 376 34.25 -1.04 -5.99
CA ALA B 376 34.11 -2.30 -5.28
C ALA B 376 32.86 -3.05 -5.73
N ALA B 377 31.80 -2.32 -6.07
CA ALA B 377 30.60 -2.98 -6.56
C ALA B 377 30.82 -3.57 -7.94
N ILE B 378 31.60 -2.89 -8.79
CA ILE B 378 31.94 -3.46 -10.09
C ILE B 378 32.72 -4.75 -9.91
N GLY B 379 33.58 -4.81 -8.89
CA GLY B 379 34.32 -6.01 -8.62
C GLY B 379 33.70 -6.85 -7.51
N CYS B 380 32.48 -7.37 -7.74
CA CYS B 380 31.86 -8.25 -6.76
C CYS B 380 31.25 -9.51 -7.37
N GLY B 381 31.40 -9.74 -8.66
CA GLY B 381 30.89 -10.94 -9.29
C GLY B 381 29.63 -10.73 -10.08
N ILE B 382 28.91 -9.63 -9.84
CA ILE B 382 27.69 -9.36 -10.59
C ILE B 382 28.02 -9.02 -12.04
N VAL B 383 29.04 -8.19 -12.25
CA VAL B 383 29.49 -7.91 -13.61
C VAL B 383 29.98 -9.20 -14.26
N GLU B 384 30.58 -10.09 -13.46
CA GLU B 384 31.13 -11.33 -14.01
C GLU B 384 30.03 -12.23 -14.58
N SER B 385 29.09 -12.66 -13.73
CA SER B 385 28.09 -13.62 -14.18
C SER B 385 27.29 -13.09 -15.37
N ILE B 386 26.94 -11.81 -15.36
CA ILE B 386 26.13 -11.24 -16.42
C ILE B 386 26.91 -11.20 -17.73
N LEU B 387 28.20 -10.87 -17.68
CA LEU B 387 28.97 -10.76 -18.91
C LEU B 387 29.12 -12.10 -19.61
N ASN B 388 29.22 -13.19 -18.84
CA ASN B 388 29.22 -14.52 -19.44
C ASN B 388 27.85 -14.85 -20.01
N TRP B 389 26.79 -14.26 -19.45
CA TRP B 389 25.45 -14.54 -19.93
C TRP B 389 25.24 -14.00 -21.34
N VAL B 390 25.67 -12.75 -21.59
CA VAL B 390 25.47 -12.17 -22.91
C VAL B 390 26.29 -12.91 -23.96
N LYS B 391 27.42 -13.49 -23.55
CA LYS B 391 28.19 -14.34 -24.44
C LYS B 391 27.40 -15.57 -24.89
#